data_5FCT
#
_entry.id   5FCT
#
_cell.length_a   54.224
_cell.length_b   83.302
_cell.length_c   68.850
_cell.angle_alpha   90.00
_cell.angle_beta   105.43
_cell.angle_gamma   90.00
#
_symmetry.space_group_name_H-M   'P 1 21 1'
#
loop_
_entity.id
_entity.type
_entity.pdbx_description
1 polymer 'Thymidylate synthase'
2 non-polymer "5-FLUORO-2'-DEOXYURIDINE-5'-MONOPHOSPHATE"
3 non-polymer '5-METHYL-5,6,7,8-TETRAHYDROFOLIC ACID'
4 water water
#
_entity_poly.entity_id   1
_entity_poly.type   'polypeptide(L)'
_entity_poly.pdbx_seq_one_letter_code
;MLVVGSELQSDAQQLSAEAPRHGELQYLRQVEHILRCGFKKEDRTGTGTLSVFGMQARYSLRDEFPLLTTKRVFWKGVLE
ELLWFIKGSTNAKELSSKGVRIWDANGSRDFLDSLGFSARQEGDLGPVYGFQWRHFGAEYKDMDSDYSGQGVDQLQKVID
TIKTNPDDRRIIMCAWNPKDLPLMALPPCHALCQFYVVNGELSCQLYQRSGDMGLGVPFNIASYALLTYMIAHITGLQPG
DFVHTLGDAHIYLNHIEPLKIQLQREPRPFPKLKILRKVETIDDFKVEDFQIEGYNPHPTIKMEMAV
;
_entity_poly.pdbx_strand_id   A,B
#
loop_
_chem_comp.id
_chem_comp.type
_chem_comp.name
_chem_comp.formula
C2F non-polymer '5-METHYL-5,6,7,8-TETRAHYDROFOLIC ACID' 'C20 H25 N7 O6'
UFP DNA linking 5-FLUORO-2'-DEOXYURIDINE-5'-MONOPHOSPHATE 'C9 H12 F N2 O8 P'
#
# COMPACT_ATOMS: atom_id res chain seq x y z
N ARG A 21 -7.91 -22.49 -8.93
CA ARG A 21 -6.99 -23.67 -9.09
C ARG A 21 -5.60 -23.18 -9.53
N HIS A 22 -5.40 -22.97 -10.83
CA HIS A 22 -4.13 -22.42 -11.33
C HIS A 22 -4.07 -20.93 -11.01
N GLY A 23 -2.97 -20.49 -10.41
CA GLY A 23 -2.85 -19.11 -9.96
C GLY A 23 -2.98 -18.11 -11.09
N GLU A 24 -2.48 -18.47 -12.28
CA GLU A 24 -2.58 -17.60 -13.45
C GLU A 24 -4.01 -17.22 -13.82
N LEU A 25 -4.97 -18.07 -13.43
CA LEU A 25 -6.37 -17.73 -13.69
C LEU A 25 -6.79 -16.44 -13.02
N GLN A 26 -6.14 -16.08 -11.91
CA GLN A 26 -6.46 -14.82 -11.27
C GLN A 26 -6.13 -13.64 -12.14
N TYR A 27 -4.95 -13.66 -12.75
CA TYR A 27 -4.54 -12.59 -13.64
C TYR A 27 -5.49 -12.52 -14.82
N LEU A 28 -5.80 -13.67 -15.42
CA LEU A 28 -6.70 -13.70 -16.57
C LEU A 28 -8.09 -13.18 -16.23
N ARG A 29 -8.58 -13.53 -15.04
CA ARG A 29 -9.88 -13.04 -14.61
C ARG A 29 -9.86 -11.53 -14.32
N GLN A 30 -8.74 -11.00 -13.84
CA GLN A 30 -8.61 -9.57 -13.68
C GLN A 30 -8.67 -8.88 -15.02
N VAL A 31 -7.95 -9.40 -15.99
CA VAL A 31 -7.98 -8.84 -17.34
C VAL A 31 -9.41 -8.87 -17.92
N GLU A 32 -10.08 -10.00 -17.80
CA GLU A 32 -11.45 -10.15 -18.30
C GLU A 32 -12.39 -9.16 -17.61
N HIS A 33 -12.20 -8.99 -16.31
CA HIS A 33 -13.05 -8.08 -15.54
C HIS A 33 -12.89 -6.62 -16.02
N ILE A 34 -11.65 -6.22 -16.31
CA ILE A 34 -11.42 -4.85 -16.78
C ILE A 34 -12.02 -4.65 -18.15
N LEU A 35 -11.89 -5.64 -19.01
CA LEU A 35 -12.47 -5.56 -20.34
C LEU A 35 -14.00 -5.43 -20.28
N ARG A 36 -14.61 -6.18 -19.38
CA ARG A 36 -16.08 -6.25 -19.31
C ARG A 36 -16.70 -5.11 -18.52
N CYS A 37 -16.09 -4.75 -17.38
CA CYS A 37 -16.67 -3.79 -16.44
C CYS A 37 -15.83 -2.52 -16.21
N GLY A 38 -14.68 -2.43 -16.85
CA GLY A 38 -13.83 -1.29 -16.64
C GLY A 38 -14.43 -0.08 -17.29
N PHE A 39 -14.12 1.09 -16.74
CA PHE A 39 -14.56 2.32 -17.36
C PHE A 39 -13.47 2.95 -18.19
N LYS A 40 -13.88 3.61 -19.25
N LYS A 40 -13.87 3.61 -19.26
CA LYS A 40 -12.94 4.36 -20.06
CA LYS A 40 -12.96 4.39 -20.07
C LYS A 40 -12.40 5.48 -19.17
C LYS A 40 -12.39 5.51 -19.21
N LYS A 41 -11.07 5.56 -19.08
CA LYS A 41 -10.42 6.56 -18.24
C LYS A 41 -9.25 7.05 -19.07
N GLU A 42 -9.19 8.36 -19.30
CA GLU A 42 -8.06 8.96 -20.01
C GLU A 42 -6.81 8.91 -19.12
N ASP A 43 -5.63 9.08 -19.70
CA ASP A 43 -4.38 8.89 -18.94
C ASP A 43 -3.22 9.79 -19.39
N ARG A 44 -2.23 9.88 -18.52
CA ARG A 44 -1.02 10.65 -18.74
C ARG A 44 -0.39 10.47 -20.13
N THR A 45 -0.36 9.24 -20.63
CA THR A 45 0.35 8.92 -21.88
C THR A 45 -0.44 9.33 -23.11
N GLY A 46 -1.72 9.67 -22.93
CA GLY A 46 -2.56 9.98 -24.09
C GLY A 46 -3.11 8.77 -24.84
N THR A 47 -2.83 7.57 -24.35
CA THR A 47 -3.29 6.32 -25.01
C THR A 47 -4.76 5.99 -24.74
N GLY A 48 -5.20 6.26 -23.51
CA GLY A 48 -6.52 5.87 -23.05
C GLY A 48 -6.48 4.47 -22.47
N THR A 49 -7.38 4.21 -21.51
CA THR A 49 -7.44 2.92 -20.82
C THR A 49 -8.87 2.55 -20.51
N LEU A 50 -9.06 1.26 -20.26
CA LEU A 50 -10.18 0.76 -19.50
C LEU A 50 -9.61 0.47 -18.11
N SER A 51 -10.34 0.88 -17.08
CA SER A 51 -9.78 0.91 -15.73
C SER A 51 -10.78 0.50 -14.66
N VAL A 52 -10.25 -0.16 -13.64
CA VAL A 52 -10.95 -0.53 -12.40
CA VAL A 52 -10.98 -0.45 -12.40
C VAL A 52 -10.05 -0.06 -11.25
N PHE A 53 -10.62 0.28 -10.10
CA PHE A 53 -9.82 0.67 -8.96
C PHE A 53 -9.98 -0.33 -7.83
N GLY A 54 -8.89 -0.97 -7.43
CA GLY A 54 -8.88 -1.91 -6.34
C GLY A 54 -9.09 -3.33 -6.81
N MET A 55 -8.00 -4.09 -6.80
CA MET A 55 -8.02 -5.53 -7.07
C MET A 55 -7.00 -6.21 -6.17
N GLN A 56 -7.16 -7.52 -5.95
CA GLN A 56 -6.18 -8.29 -5.20
C GLN A 56 -6.15 -9.72 -5.72
N ALA A 57 -4.95 -10.28 -5.84
CA ALA A 57 -4.75 -11.67 -6.19
C ALA A 57 -3.69 -12.27 -5.29
N ARG A 58 -3.65 -13.59 -5.17
CA ARG A 58 -2.70 -14.27 -4.29
C ARG A 58 -2.04 -15.38 -5.08
N TYR A 59 -0.74 -15.27 -5.28
CA TYR A 59 0.02 -16.24 -6.06
C TYR A 59 0.86 -17.07 -5.12
N SER A 60 0.59 -18.37 -5.07
CA SER A 60 1.40 -19.26 -4.28
C SER A 60 2.81 -19.34 -4.85
N LEU A 61 3.79 -19.35 -3.94
CA LEU A 61 5.19 -19.48 -4.30
C LEU A 61 5.74 -20.84 -3.86
N ARG A 62 4.84 -21.74 -3.47
CA ARG A 62 5.23 -23.02 -2.85
C ARG A 62 5.48 -24.09 -3.93
N ASP A 63 6.76 -24.41 -4.13
N ASP A 63 6.77 -24.40 -4.14
CA ASP A 63 7.17 -25.41 -5.12
CA ASP A 63 7.22 -25.35 -5.17
C ASP A 63 6.75 -25.03 -6.52
C ASP A 63 6.70 -24.98 -6.55
N GLU A 64 6.55 -23.72 -6.75
N GLU A 64 6.42 -23.69 -6.75
CA GLU A 64 6.33 -23.22 -8.09
CA GLU A 64 6.08 -23.17 -8.06
C GLU A 64 6.51 -21.71 -8.11
C GLU A 64 6.45 -21.70 -8.12
N PHE A 65 6.63 -21.16 -9.32
CA PHE A 65 7.02 -19.78 -9.51
C PHE A 65 6.11 -19.14 -10.55
N PRO A 66 5.45 -18.02 -10.20
CA PRO A 66 4.37 -17.48 -11.03
C PRO A 66 4.85 -16.62 -12.20
N LEU A 67 5.53 -17.25 -13.13
CA LEU A 67 5.92 -16.65 -14.41
C LEU A 67 4.83 -17.03 -15.41
N LEU A 68 4.09 -16.05 -15.90
CA LEU A 68 2.90 -16.34 -16.68
C LEU A 68 3.23 -17.22 -17.89
N THR A 69 2.30 -18.12 -18.16
CA THR A 69 2.42 -19.07 -19.27
C THR A 69 1.54 -18.78 -20.47
N THR A 70 0.56 -17.89 -20.34
CA THR A 70 -0.32 -17.63 -21.48
C THR A 70 0.33 -16.68 -22.49
N LYS A 71 1.51 -16.14 -22.15
CA LYS A 71 2.42 -15.60 -23.15
C LYS A 71 3.83 -15.84 -22.62
N ARG A 72 4.82 -15.83 -23.50
CA ARG A 72 6.20 -15.92 -23.03
C ARG A 72 6.60 -14.57 -22.42
N VAL A 73 6.94 -14.59 -21.14
CA VAL A 73 7.39 -13.41 -20.42
C VAL A 73 8.91 -13.34 -20.52
N PHE A 74 9.43 -12.13 -20.73
CA PHE A 74 10.87 -11.84 -20.82
C PHE A 74 11.56 -11.97 -19.45
N TRP A 75 11.77 -13.21 -19.02
CA TRP A 75 12.37 -13.48 -17.71
C TRP A 75 13.71 -12.78 -17.49
N LYS A 76 14.58 -12.75 -18.51
CA LYS A 76 15.88 -12.09 -18.36
C LYS A 76 15.66 -10.63 -17.97
N GLY A 77 14.65 -10.01 -18.55
CA GLY A 77 14.31 -8.65 -18.20
C GLY A 77 13.89 -8.49 -16.75
N VAL A 78 13.03 -9.38 -16.28
CA VAL A 78 12.59 -9.36 -14.88
C VAL A 78 13.80 -9.51 -13.97
N LEU A 79 14.65 -10.48 -14.25
CA LEU A 79 15.77 -10.79 -13.39
C LEU A 79 16.80 -9.67 -13.37
N GLU A 80 17.19 -9.17 -14.55
CA GLU A 80 18.14 -8.05 -14.59
C GLU A 80 17.57 -6.79 -13.97
N GLU A 81 16.29 -6.50 -14.20
CA GLU A 81 15.69 -5.31 -13.61
C GLU A 81 15.77 -5.39 -12.08
N LEU A 82 15.45 -6.55 -11.51
CA LEU A 82 15.47 -6.64 -10.04
C LEU A 82 16.88 -6.50 -9.50
N LEU A 83 17.87 -7.11 -10.15
CA LEU A 83 19.25 -6.97 -9.68
C LEU A 83 19.71 -5.51 -9.76
N TRP A 84 19.23 -4.81 -10.79
CA TRP A 84 19.50 -3.39 -10.99
C TRP A 84 18.87 -2.55 -9.87
N PHE A 85 17.62 -2.82 -9.51
CA PHE A 85 17.03 -2.21 -8.31
C PHE A 85 17.91 -2.47 -7.06
N ILE A 86 18.29 -3.72 -6.84
CA ILE A 86 18.96 -4.10 -5.60
C ILE A 86 20.29 -3.37 -5.48
N LYS A 87 21.00 -3.21 -6.60
CA LYS A 87 22.29 -2.53 -6.55
C LYS A 87 22.16 -1.02 -6.42
N GLY A 88 20.92 -0.53 -6.39
CA GLY A 88 20.66 0.89 -6.13
C GLY A 88 20.75 1.77 -7.36
N SER A 89 20.80 1.17 -8.55
CA SER A 89 20.95 1.97 -9.75
C SER A 89 19.67 2.70 -10.12
N THR A 90 19.86 3.91 -10.64
CA THR A 90 18.77 4.69 -11.21
C THR A 90 19.12 5.10 -12.64
N ASN A 91 20.08 4.42 -13.25
CA ASN A 91 20.52 4.66 -14.62
C ASN A 91 19.97 3.61 -15.58
N ALA A 92 19.02 4.00 -16.43
CA ALA A 92 18.45 3.09 -17.41
C ALA A 92 19.52 2.50 -18.33
N LYS A 93 20.60 3.24 -18.57
CA LYS A 93 21.68 2.73 -19.44
C LYS A 93 22.40 1.55 -18.83
N GLU A 94 22.47 1.49 -17.51
CA GLU A 94 23.09 0.34 -16.84
C GLU A 94 22.25 -0.94 -17.03
N LEU A 95 20.94 -0.80 -17.11
CA LEU A 95 20.07 -1.92 -17.40
C LEU A 95 20.11 -2.24 -18.90
N SER A 96 20.09 -1.21 -19.74
CA SER A 96 20.16 -1.36 -21.19
C SER A 96 21.41 -2.12 -21.63
N SER A 97 22.52 -1.90 -20.91
CA SER A 97 23.79 -2.55 -21.20
C SER A 97 23.72 -4.07 -21.00
N LYS A 98 22.74 -4.55 -20.22
CA LYS A 98 22.48 -5.97 -20.05
C LYS A 98 21.56 -6.53 -21.13
N GLY A 99 21.18 -5.73 -22.12
CA GLY A 99 20.23 -6.15 -23.15
C GLY A 99 18.77 -6.04 -22.75
N VAL A 100 18.51 -5.25 -21.71
CA VAL A 100 17.17 -5.06 -21.17
C VAL A 100 16.82 -3.57 -21.30
N ARG A 101 15.98 -3.26 -22.28
CA ARG A 101 15.76 -1.88 -22.72
C ARG A 101 14.47 -1.25 -22.21
N ILE A 102 13.82 -1.92 -21.27
CA ILE A 102 12.47 -1.57 -20.85
C ILE A 102 12.34 -0.19 -20.20
N TRP A 103 13.43 0.31 -19.61
CA TRP A 103 13.44 1.63 -18.92
C TRP A 103 13.99 2.74 -19.81
N ASP A 104 14.40 2.41 -21.04
CA ASP A 104 15.05 3.38 -21.90
C ASP A 104 14.14 4.55 -22.27
N ALA A 105 12.87 4.26 -22.55
CA ALA A 105 11.96 5.30 -22.99
C ALA A 105 11.69 6.34 -21.91
N ASN A 106 11.56 5.91 -20.67
CA ASN A 106 11.29 6.83 -19.57
C ASN A 106 12.54 7.56 -19.10
N GLY A 107 13.71 7.17 -19.61
CA GLY A 107 14.94 7.93 -19.36
C GLY A 107 15.44 8.68 -20.57
N SER A 108 14.66 8.71 -21.65
CA SER A 108 15.13 9.29 -22.91
C SER A 108 15.20 10.81 -22.83
N ARG A 109 15.99 11.38 -23.72
CA ARG A 109 16.15 12.84 -23.83
C ARG A 109 14.78 13.52 -23.94
N ASP A 110 13.96 13.03 -24.84
CA ASP A 110 12.68 13.69 -25.07
C ASP A 110 11.76 13.59 -23.86
N PHE A 111 11.74 12.42 -23.22
CA PHE A 111 10.86 12.22 -22.07
C PHE A 111 11.34 13.08 -20.90
N LEU A 112 12.64 13.08 -20.64
CA LEU A 112 13.20 13.92 -19.60
C LEU A 112 12.90 15.40 -19.89
N ASP A 113 13.12 15.82 -21.13
CA ASP A 113 12.85 17.20 -21.50
C ASP A 113 11.38 17.56 -21.28
N SER A 114 10.48 16.64 -21.56
CA SER A 114 9.04 16.92 -21.45
C SER A 114 8.66 17.29 -20.01
N LEU A 115 9.40 16.75 -19.03
CA LEU A 115 9.12 16.98 -17.62
C LEU A 115 9.89 18.15 -17.04
N GLY A 116 10.79 18.73 -17.84
CA GLY A 116 11.60 19.85 -17.40
C GLY A 116 13.01 19.52 -17.03
N PHE A 117 13.45 18.28 -17.20
CA PHE A 117 14.82 17.90 -16.86
C PHE A 117 15.77 18.12 -18.05
N SER A 118 15.85 19.38 -18.49
CA SER A 118 16.59 19.74 -19.69
C SER A 118 18.11 19.62 -19.61
N ALA A 119 18.65 19.57 -18.40
CA ALA A 119 20.09 19.45 -18.17
C ALA A 119 20.50 18.03 -17.79
N ARG A 120 19.51 17.16 -17.62
CA ARG A 120 19.76 15.82 -17.11
C ARG A 120 20.25 14.89 -18.23
N GLN A 121 21.27 14.11 -17.93
CA GLN A 121 21.76 13.12 -18.86
C GLN A 121 20.71 12.03 -19.12
N GLU A 122 20.55 11.68 -20.38
CA GLU A 122 19.70 10.55 -20.76
C GLU A 122 20.07 9.31 -19.94
N GLY A 123 19.05 8.58 -19.52
CA GLY A 123 19.20 7.44 -18.63
C GLY A 123 18.95 7.73 -17.16
N ASP A 124 19.07 8.99 -16.77
CA ASP A 124 18.95 9.34 -15.34
C ASP A 124 17.47 9.46 -14.98
N LEU A 125 16.96 8.42 -14.33
CA LEU A 125 15.55 8.34 -13.96
C LEU A 125 15.24 9.14 -12.69
N GLY A 126 16.28 9.69 -12.07
CA GLY A 126 16.10 10.35 -10.81
C GLY A 126 16.00 9.35 -9.67
N PRO A 127 15.53 9.80 -8.49
CA PRO A 127 15.59 8.99 -7.28
C PRO A 127 14.44 7.99 -7.20
N VAL A 128 14.49 7.01 -8.08
CA VAL A 128 13.44 6.00 -8.18
C VAL A 128 13.86 4.78 -7.36
N TYR A 129 13.29 3.63 -7.69
CA TYR A 129 13.33 2.44 -6.83
C TYR A 129 14.67 2.16 -6.18
N GLY A 130 15.72 2.01 -6.99
CA GLY A 130 17.03 1.56 -6.49
C GLY A 130 17.50 2.47 -5.37
N PHE A 131 17.31 3.76 -5.59
CA PHE A 131 17.73 4.78 -4.67
C PHE A 131 16.89 4.75 -3.40
N GLN A 132 15.57 4.66 -3.54
CA GLN A 132 14.70 4.66 -2.38
C GLN A 132 14.87 3.40 -1.55
N TRP A 133 15.04 2.26 -2.21
CA TRP A 133 15.16 0.99 -1.50
C TRP A 133 16.43 0.92 -0.66
N ARG A 134 17.53 1.48 -1.15
CA ARG A 134 18.83 1.37 -0.45
C ARG A 134 19.26 2.64 0.26
N HIS A 135 18.63 3.78 -0.05
CA HIS A 135 19.12 5.08 0.43
C HIS A 135 18.00 6.07 0.73
N PHE A 136 16.85 5.59 1.22
CA PHE A 136 15.72 6.45 1.46
C PHE A 136 16.13 7.63 2.35
N GLY A 137 15.83 8.82 1.87
CA GLY A 137 16.06 10.03 2.64
C GLY A 137 17.36 10.75 2.32
N ALA A 138 18.23 10.09 1.56
CA ALA A 138 19.47 10.73 1.09
C ALA A 138 19.18 11.81 0.06
N GLU A 139 20.14 12.70 -0.12
CA GLU A 139 19.99 13.80 -1.07
C GLU A 139 20.43 13.33 -2.44
N TYR A 140 19.49 13.20 -3.36
CA TYR A 140 19.83 12.79 -4.73
C TYR A 140 20.55 13.91 -5.44
N LYS A 141 21.57 13.53 -6.17
CA LYS A 141 22.31 14.45 -7.03
CA LYS A 141 22.33 14.44 -7.02
C LYS A 141 22.15 13.97 -8.47
N ASP A 142 22.87 12.94 -8.88
CA ASP A 142 22.61 12.31 -10.17
C ASP A 142 22.83 10.82 -10.08
N MET A 143 22.59 10.12 -11.18
N MET A 143 22.61 10.13 -11.20
CA MET A 143 22.64 8.68 -11.18
CA MET A 143 22.65 8.66 -11.25
C MET A 143 24.05 8.11 -10.97
C MET A 143 24.05 8.09 -11.08
N ASP A 144 25.08 8.93 -11.19
CA ASP A 144 26.45 8.47 -11.05
C ASP A 144 27.09 8.81 -9.70
N SER A 145 26.35 9.46 -8.81
CA SER A 145 26.86 9.78 -7.47
C SER A 145 26.99 8.53 -6.58
N ASP A 146 27.91 8.59 -5.63
CA ASP A 146 28.14 7.50 -4.69
C ASP A 146 27.30 7.80 -3.46
N TYR A 147 26.30 6.95 -3.19
CA TYR A 147 25.42 7.16 -2.03
C TYR A 147 25.70 6.21 -0.86
N SER A 148 26.78 5.45 -0.94
N SER A 148 26.77 5.44 -0.95
CA SER A 148 27.16 4.49 0.11
CA SER A 148 27.08 4.45 0.08
C SER A 148 27.03 5.05 1.52
C SER A 148 27.03 5.02 1.50
N GLY A 149 26.27 4.36 2.36
CA GLY A 149 26.07 4.76 3.74
C GLY A 149 25.08 5.89 4.00
N GLN A 150 24.50 6.46 2.94
CA GLN A 150 23.56 7.57 3.07
C GLN A 150 22.14 7.04 3.02
N GLY A 151 21.26 7.63 3.81
CA GLY A 151 19.86 7.26 3.85
C GLY A 151 19.63 5.91 4.49
N VAL A 152 18.40 5.45 4.39
CA VAL A 152 17.97 4.25 5.04
C VAL A 152 18.00 3.10 4.05
N ASP A 153 18.76 2.06 4.41
CA ASP A 153 18.82 0.85 3.62
C ASP A 153 17.62 0.00 4.01
N GLN A 154 16.49 0.26 3.37
CA GLN A 154 15.26 -0.46 3.71
C GLN A 154 15.34 -1.95 3.42
N LEU A 155 16.01 -2.30 2.34
CA LEU A 155 16.10 -3.71 1.92
C LEU A 155 16.88 -4.51 2.97
N GLN A 156 18.02 -3.99 3.40
CA GLN A 156 18.79 -4.68 4.44
C GLN A 156 18.01 -4.72 5.75
N LYS A 157 17.30 -3.64 6.10
CA LYS A 157 16.51 -3.62 7.32
C LYS A 157 15.39 -4.67 7.29
N VAL A 158 14.76 -4.84 6.13
CA VAL A 158 13.74 -5.91 5.96
C VAL A 158 14.33 -7.30 6.28
N ILE A 159 15.49 -7.57 5.71
CA ILE A 159 16.20 -8.84 5.89
C ILE A 159 16.58 -9.06 7.36
N ASP A 160 17.17 -8.03 7.97
CA ASP A 160 17.55 -8.12 9.37
C ASP A 160 16.35 -8.37 10.29
N THR A 161 15.24 -7.71 10.00
CA THR A 161 14.06 -7.83 10.83
C THR A 161 13.46 -9.23 10.69
N ILE A 162 13.41 -9.77 9.47
CA ILE A 162 12.91 -11.12 9.30
C ILE A 162 13.73 -12.12 10.13
N LYS A 163 15.05 -11.92 10.16
CA LYS A 163 15.96 -12.79 10.91
C LYS A 163 15.83 -12.65 12.41
N THR A 164 15.60 -11.43 12.90
CA THR A 164 15.59 -11.16 14.34
C THR A 164 14.19 -11.16 15.00
N ASN A 165 13.17 -10.78 14.25
CA ASN A 165 11.81 -10.71 14.77
C ASN A 165 10.80 -10.97 13.67
N PRO A 166 10.64 -12.25 13.28
CA PRO A 166 9.79 -12.57 12.13
C PRO A 166 8.31 -12.23 12.34
N ASP A 167 7.89 -12.07 13.59
CA ASP A 167 6.52 -11.65 13.87
C ASP A 167 6.23 -10.18 13.60
N ASP A 168 7.28 -9.39 13.37
CA ASP A 168 7.12 -7.94 13.20
C ASP A 168 6.09 -7.60 12.11
N ARG A 169 5.21 -6.64 12.43
CA ARG A 169 4.14 -6.22 11.50
C ARG A 169 4.49 -4.95 10.72
N ARG A 170 5.76 -4.57 10.75
CA ARG A 170 6.26 -3.33 10.14
C ARG A 170 7.35 -3.61 9.11
N ILE A 171 7.37 -4.81 8.54
CA ILE A 171 8.48 -5.22 7.65
C ILE A 171 8.15 -4.70 6.25
N ILE A 172 8.52 -3.46 5.98
CA ILE A 172 8.05 -2.76 4.80
C ILE A 172 9.23 -2.14 4.04
N MET A 173 9.17 -2.19 2.72
CA MET A 173 10.10 -1.44 1.87
C MET A 173 9.22 -0.55 0.98
N CYS A 174 9.45 0.76 1.04
CA CYS A 174 8.59 1.77 0.42
C CYS A 174 9.42 2.65 -0.53
N ALA A 175 9.12 2.59 -1.83
CA ALA A 175 9.76 3.48 -2.82
C ALA A 175 9.06 4.84 -2.93
N TRP A 176 7.84 4.94 -2.42
CA TRP A 176 7.09 6.17 -2.46
C TRP A 176 7.73 7.17 -1.52
N ASN A 177 8.27 8.23 -2.08
CA ASN A 177 8.93 9.28 -1.31
C ASN A 177 8.40 10.62 -1.78
N PRO A 178 7.40 11.16 -1.07
CA PRO A 178 6.76 12.41 -1.45
C PRO A 178 7.72 13.55 -1.73
N LYS A 179 8.78 13.64 -0.92
CA LYS A 179 9.76 14.72 -1.05
C LYS A 179 10.55 14.64 -2.36
N ASP A 180 10.80 13.42 -2.82
CA ASP A 180 11.61 13.20 -4.03
C ASP A 180 10.79 13.08 -5.31
N LEU A 181 9.46 12.94 -5.20
CA LEU A 181 8.62 12.79 -6.39
C LEU A 181 8.95 13.76 -7.56
N PRO A 182 9.15 15.06 -7.25
CA PRO A 182 9.37 15.97 -8.36
C PRO A 182 10.63 15.71 -9.19
N LEU A 183 11.57 14.94 -8.64
CA LEU A 183 12.83 14.65 -9.33
C LEU A 183 12.78 13.34 -10.13
N MET A 184 11.70 12.58 -9.97
CA MET A 184 11.60 11.27 -10.58
C MET A 184 11.07 11.36 -12.00
N ALA A 185 11.67 10.61 -12.92
CA ALA A 185 11.11 10.53 -14.28
C ALA A 185 9.76 9.86 -14.27
N LEU A 186 9.60 8.88 -13.38
CA LEU A 186 8.35 8.20 -13.24
C LEU A 186 8.22 7.77 -11.79
N PRO A 187 7.25 8.32 -11.07
CA PRO A 187 7.04 7.85 -9.69
C PRO A 187 6.76 6.36 -9.63
N PRO A 188 7.19 5.70 -8.54
CA PRO A 188 7.07 4.25 -8.46
C PRO A 188 5.67 3.71 -8.74
N CYS A 189 5.59 2.78 -9.67
CA CYS A 189 4.34 2.03 -9.93
C CYS A 189 4.09 1.04 -8.79
N HIS A 190 5.15 0.32 -8.44
CA HIS A 190 5.16 -0.56 -7.28
C HIS A 190 5.64 0.26 -6.07
N ALA A 191 4.67 0.72 -5.27
CA ALA A 191 4.90 1.83 -4.35
C ALA A 191 5.43 1.40 -2.99
N LEU A 192 4.91 0.29 -2.46
CA LEU A 192 5.26 -0.17 -1.14
C LEU A 192 5.05 -1.68 -1.12
N CYS A 193 5.92 -2.40 -0.42
CA CYS A 193 5.67 -3.81 -0.19
C CYS A 193 5.90 -4.13 1.29
N GLN A 194 5.25 -5.19 1.73
CA GLN A 194 5.32 -5.65 3.13
C GLN A 194 5.59 -7.15 3.10
N PHE A 195 6.48 -7.59 4.00
CA PHE A 195 6.79 -8.98 4.20
C PHE A 195 6.16 -9.47 5.50
N TYR A 196 5.98 -10.79 5.57
CA TYR A 196 5.24 -11.42 6.66
C TYR A 196 5.75 -12.84 6.79
N VAL A 197 5.88 -13.30 8.04
CA VAL A 197 6.33 -14.65 8.33
C VAL A 197 5.35 -15.38 9.23
N VAL A 198 4.93 -16.56 8.78
CA VAL A 198 4.21 -17.51 9.59
C VAL A 198 4.43 -18.90 9.00
N ASN A 199 4.33 -19.93 9.82
CA ASN A 199 4.46 -21.30 9.33
C ASN A 199 5.72 -21.60 8.55
N GLY A 200 6.82 -20.97 8.94
CA GLY A 200 8.09 -21.18 8.26
C GLY A 200 8.16 -20.58 6.88
N GLU A 201 7.16 -19.76 6.51
CA GLU A 201 7.06 -19.19 5.20
C GLU A 201 7.12 -17.67 5.16
N LEU A 202 7.82 -17.14 4.17
CA LEU A 202 7.93 -15.71 3.90
C LEU A 202 6.96 -15.34 2.77
N SER A 203 6.05 -14.43 3.10
CA SER A 203 5.12 -13.89 2.14
C SER A 203 5.40 -12.42 1.92
N CYS A 204 4.92 -11.92 0.78
CA CYS A 204 5.11 -10.52 0.39
C CYS A 204 3.80 -10.01 -0.19
N GLN A 205 3.41 -8.81 0.22
CA GLN A 205 2.29 -8.08 -0.41
C GLN A 205 2.80 -6.82 -1.02
N LEU A 206 2.43 -6.60 -2.30
CA LEU A 206 2.77 -5.37 -2.99
C LEU A 206 1.55 -4.47 -3.11
N TYR A 207 1.71 -3.20 -2.75
CA TYR A 207 0.74 -2.16 -3.11
C TYR A 207 1.24 -1.48 -4.39
N GLN A 208 0.55 -1.79 -5.47
CA GLN A 208 0.87 -1.25 -6.78
C GLN A 208 -0.17 -0.22 -7.16
N ARG A 209 0.24 1.05 -7.18
CA ARG A 209 -0.70 2.17 -7.40
C ARG A 209 -1.30 2.18 -8.79
N SER A 210 -0.59 1.59 -9.74
CA SER A 210 -0.92 1.73 -11.14
C SER A 210 -0.36 0.49 -11.84
N GLY A 211 -1.25 -0.27 -12.49
CA GLY A 211 -0.87 -1.51 -13.16
C GLY A 211 -1.29 -1.55 -14.62
N ASP A 212 -0.28 -1.53 -15.50
CA ASP A 212 -0.44 -1.76 -16.94
C ASP A 212 -0.60 -3.27 -17.05
N MET A 213 -1.83 -3.73 -17.24
CA MET A 213 -2.11 -5.14 -17.17
C MET A 213 -1.37 -5.93 -18.24
N GLY A 214 -1.20 -5.33 -19.41
CA GLY A 214 -0.55 -6.00 -20.52
C GLY A 214 0.96 -6.13 -20.40
N LEU A 215 1.65 -5.08 -19.96
CA LEU A 215 3.10 -5.11 -19.96
C LEU A 215 3.68 -5.19 -18.56
N GLY A 216 3.44 -4.17 -17.76
CA GLY A 216 4.06 -4.13 -16.44
C GLY A 216 3.69 -5.24 -15.48
N VAL A 217 2.40 -5.53 -15.37
CA VAL A 217 1.91 -6.41 -14.32
C VAL A 217 2.52 -7.83 -14.37
N PRO A 218 2.57 -8.46 -15.53
CA PRO A 218 3.28 -9.76 -15.55
C PRO A 218 4.72 -9.69 -15.06
N PHE A 219 5.43 -8.58 -15.36
CA PHE A 219 6.77 -8.36 -14.81
C PHE A 219 6.73 -8.17 -13.32
N ASN A 220 5.79 -7.37 -12.82
CA ASN A 220 5.69 -7.10 -11.37
C ASN A 220 5.43 -8.39 -10.57
N ILE A 221 4.59 -9.27 -11.08
CA ILE A 221 4.30 -10.53 -10.39
C ILE A 221 5.57 -11.38 -10.28
N ALA A 222 6.25 -11.54 -11.41
CA ALA A 222 7.49 -12.32 -11.41
C ALA A 222 8.59 -11.65 -10.56
N SER A 223 8.68 -10.33 -10.62
CA SER A 223 9.71 -9.58 -9.89
C SER A 223 9.59 -9.74 -8.37
N TYR A 224 8.39 -9.52 -7.85
CA TYR A 224 8.17 -9.67 -6.42
C TYR A 224 8.22 -11.12 -5.97
N ALA A 225 7.79 -12.06 -6.83
CA ALA A 225 7.99 -13.48 -6.51
C ALA A 225 9.49 -13.81 -6.39
N LEU A 226 10.28 -13.30 -7.32
CA LEU A 226 11.70 -13.48 -7.30
C LEU A 226 12.37 -12.86 -6.05
N LEU A 227 11.98 -11.64 -5.71
CA LEU A 227 12.56 -10.97 -4.55
C LEU A 227 12.27 -11.78 -3.28
N THR A 228 11.06 -12.31 -3.21
CA THR A 228 10.62 -13.12 -2.07
C THR A 228 11.44 -14.42 -2.01
N TYR A 229 11.67 -15.07 -3.14
CA TYR A 229 12.59 -16.22 -3.18
C TYR A 229 13.98 -15.86 -2.68
N MET A 230 14.51 -14.72 -3.13
CA MET A 230 15.84 -14.27 -2.70
CA MET A 230 15.83 -14.28 -2.70
C MET A 230 15.90 -14.05 -1.19
N ILE A 231 14.94 -13.31 -0.66
CA ILE A 231 14.97 -13.04 0.76
C ILE A 231 14.72 -14.31 1.58
N ALA A 232 13.81 -15.17 1.13
CA ALA A 232 13.58 -16.44 1.82
C ALA A 232 14.87 -17.26 1.90
N HIS A 233 15.63 -17.28 0.80
CA HIS A 233 16.87 -18.01 0.72
C HIS A 233 17.87 -17.53 1.77
N ILE A 234 18.05 -16.21 1.82
N ILE A 234 18.07 -16.22 1.88
CA ILE A 234 18.95 -15.53 2.76
CA ILE A 234 19.07 -15.74 2.82
C ILE A 234 18.59 -15.77 4.23
C ILE A 234 18.59 -15.68 4.27
N THR A 235 17.29 -15.86 4.49
CA THR A 235 16.74 -15.89 5.87
C THR A 235 16.35 -17.28 6.36
N GLY A 236 16.59 -18.31 5.55
CA GLY A 236 16.28 -19.67 5.92
C GLY A 236 14.81 -20.03 6.03
N LEU A 237 13.98 -19.32 5.25
CA LEU A 237 12.55 -19.57 5.18
C LEU A 237 12.17 -20.15 3.82
N GLN A 238 10.94 -20.65 3.75
CA GLN A 238 10.35 -21.11 2.48
C GLN A 238 9.47 -19.99 1.92
N PRO A 239 9.47 -19.79 0.58
CA PRO A 239 8.50 -18.83 0.02
C PRO A 239 7.05 -19.25 0.28
N GLY A 240 6.21 -18.26 0.58
CA GLY A 240 4.82 -18.46 0.93
C GLY A 240 3.89 -18.03 -0.20
N ASP A 241 3.29 -16.86 -0.03
CA ASP A 241 2.47 -16.23 -1.05
C ASP A 241 3.02 -14.89 -1.47
N PHE A 242 2.74 -14.55 -2.72
CA PHE A 242 2.84 -13.17 -3.19
C PHE A 242 1.41 -12.63 -3.33
N VAL A 243 1.07 -11.65 -2.50
CA VAL A 243 -0.25 -11.01 -2.55
C VAL A 243 -0.09 -9.73 -3.36
N HIS A 244 -0.80 -9.65 -4.48
CA HIS A 244 -0.72 -8.54 -5.39
C HIS A 244 -1.92 -7.65 -5.25
N THR A 245 -1.71 -6.43 -4.78
CA THR A 245 -2.78 -5.46 -4.66
C THR A 245 -2.59 -4.32 -5.66
N LEU A 246 -3.67 -4.02 -6.35
CA LEU A 246 -3.69 -2.94 -7.34
C LEU A 246 -4.59 -1.77 -6.97
N GLY A 247 -4.12 -0.58 -7.30
CA GLY A 247 -4.91 0.65 -7.31
C GLY A 247 -5.63 0.80 -8.65
N ASP A 248 -5.08 1.66 -9.51
CA ASP A 248 -5.63 1.83 -10.85
C ASP A 248 -5.12 0.69 -11.73
N ALA A 249 -5.94 -0.33 -11.91
CA ALA A 249 -5.62 -1.48 -12.76
C ALA A 249 -6.22 -1.19 -14.11
N HIS A 250 -5.40 -1.18 -15.14
CA HIS A 250 -5.87 -0.72 -16.45
C HIS A 250 -5.32 -1.48 -17.62
N ILE A 251 -6.12 -1.46 -18.68
CA ILE A 251 -5.74 -2.00 -19.98
C ILE A 251 -5.65 -0.83 -20.93
N TYR A 252 -4.46 -0.60 -21.49
CA TYR A 252 -4.32 0.39 -22.55
C TYR A 252 -5.10 -0.03 -23.78
N LEU A 253 -5.67 0.94 -24.48
CA LEU A 253 -6.58 0.64 -25.58
C LEU A 253 -5.92 -0.23 -26.65
N ASN A 254 -4.64 0.01 -26.89
CA ASN A 254 -3.90 -0.76 -27.88
C ASN A 254 -3.40 -2.13 -27.39
N HIS A 255 -3.80 -2.53 -26.18
CA HIS A 255 -3.55 -3.88 -25.66
C HIS A 255 -4.81 -4.73 -25.65
N ILE A 256 -5.94 -4.14 -26.01
CA ILE A 256 -7.20 -4.87 -25.96
C ILE A 256 -7.16 -6.11 -26.85
N GLU A 257 -6.77 -5.95 -28.12
CA GLU A 257 -6.75 -7.08 -29.04
C GLU A 257 -5.72 -8.14 -28.62
N PRO A 258 -4.49 -7.72 -28.29
CA PRO A 258 -3.51 -8.72 -27.83
C PRO A 258 -3.97 -9.48 -26.58
N LEU A 259 -4.58 -8.78 -25.63
CA LEU A 259 -5.03 -9.46 -24.41
C LEU A 259 -6.20 -10.40 -24.67
N LYS A 260 -7.07 -10.06 -25.61
CA LYS A 260 -8.15 -10.96 -25.99
C LYS A 260 -7.61 -12.26 -26.59
N ILE A 261 -6.54 -12.17 -27.36
CA ILE A 261 -5.83 -13.37 -27.84
C ILE A 261 -5.32 -14.19 -26.64
N GLN A 262 -4.70 -13.51 -25.69
CA GLN A 262 -4.11 -14.16 -24.53
C GLN A 262 -5.19 -14.89 -23.73
N LEU A 263 -6.36 -14.25 -23.61
CA LEU A 263 -7.46 -14.81 -22.82
C LEU A 263 -8.00 -16.11 -23.39
N GLN A 264 -7.72 -16.41 -24.65
CA GLN A 264 -8.19 -17.66 -25.26
C GLN A 264 -7.28 -18.85 -24.94
N ARG A 265 -6.17 -18.59 -24.25
CA ARG A 265 -5.17 -19.62 -24.03
C ARG A 265 -5.26 -20.22 -22.65
N GLU A 266 -5.07 -21.54 -22.57
CA GLU A 266 -5.10 -22.26 -21.28
CA GLU A 266 -5.09 -22.23 -21.28
C GLU A 266 -3.72 -22.19 -20.63
N PRO A 267 -3.65 -21.75 -19.35
CA PRO A 267 -2.33 -21.79 -18.70
C PRO A 267 -1.73 -23.19 -18.64
N ARG A 268 -0.41 -23.25 -18.73
CA ARG A 268 0.34 -24.48 -18.45
C ARG A 268 0.76 -24.38 -16.99
N PRO A 269 1.06 -25.53 -16.35
CA PRO A 269 1.62 -25.45 -15.00
C PRO A 269 2.78 -24.48 -14.90
N PHE A 270 2.81 -23.68 -13.82
CA PHE A 270 3.90 -22.74 -13.65
C PHE A 270 5.23 -23.49 -13.55
N PRO A 271 6.33 -22.81 -13.92
CA PRO A 271 7.65 -23.36 -13.75
C PRO A 271 8.08 -23.33 -12.29
N LYS A 272 9.30 -23.81 -12.04
CA LYS A 272 9.93 -23.66 -10.75
C LYS A 272 11.11 -22.73 -10.90
N LEU A 273 11.53 -22.13 -9.77
CA LEU A 273 12.75 -21.34 -9.69
C LEU A 273 13.70 -22.04 -8.77
N LYS A 274 14.92 -22.25 -9.27
CA LYS A 274 15.99 -22.86 -8.51
CA LYS A 274 15.99 -22.86 -8.49
C LYS A 274 17.07 -21.82 -8.24
N ILE A 275 17.56 -21.78 -7.02
CA ILE A 275 18.74 -20.98 -6.67
C ILE A 275 19.90 -21.97 -6.53
N LEU A 276 20.95 -21.71 -7.31
CA LEU A 276 21.98 -22.72 -7.63
C LEU A 276 23.18 -22.79 -6.70
N ARG A 277 23.25 -21.88 -5.73
CA ARG A 277 24.27 -21.96 -4.69
C ARG A 277 23.79 -21.27 -3.43
N LYS A 278 24.51 -21.50 -2.35
CA LYS A 278 24.20 -20.84 -1.10
CA LYS A 278 24.21 -20.84 -1.08
C LYS A 278 24.71 -19.40 -1.13
N VAL A 279 23.79 -18.45 -1.08
CA VAL A 279 24.08 -17.03 -1.14
C VAL A 279 23.79 -16.48 0.26
N GLU A 280 24.71 -15.69 0.78
CA GLU A 280 24.62 -15.24 2.16
C GLU A 280 24.06 -13.84 2.34
N THR A 281 24.21 -12.97 1.33
CA THR A 281 23.70 -11.60 1.38
C THR A 281 22.97 -11.23 0.08
N ILE A 282 22.02 -10.30 0.19
CA ILE A 282 21.20 -9.90 -0.96
C ILE A 282 22.04 -9.31 -2.09
N ASP A 283 23.10 -8.61 -1.73
CA ASP A 283 23.96 -7.99 -2.73
C ASP A 283 24.87 -8.96 -3.50
N ASP A 284 24.97 -10.20 -3.03
CA ASP A 284 25.84 -11.19 -3.67
C ASP A 284 25.13 -11.99 -4.77
N PHE A 285 23.80 -11.86 -4.89
CA PHE A 285 23.10 -12.60 -5.93
C PHE A 285 23.53 -12.07 -7.30
N LYS A 286 23.70 -13.00 -8.24
CA LYS A 286 24.11 -12.73 -9.62
C LYS A 286 23.15 -13.46 -10.56
N VAL A 287 23.08 -13.02 -11.81
N VAL A 287 23.08 -13.03 -11.81
CA VAL A 287 22.19 -13.64 -12.79
CA VAL A 287 22.16 -13.64 -12.77
C VAL A 287 22.40 -15.15 -12.88
C VAL A 287 22.39 -15.15 -12.89
N GLU A 288 23.65 -15.58 -12.81
CA GLU A 288 24.00 -16.98 -12.94
CA GLU A 288 23.96 -17.00 -12.96
C GLU A 288 23.52 -17.85 -11.77
N ASP A 289 23.05 -17.23 -10.69
CA ASP A 289 22.60 -17.99 -9.52
C ASP A 289 21.20 -18.58 -9.64
N PHE A 290 20.50 -18.25 -10.73
CA PHE A 290 19.09 -18.61 -10.91
C PHE A 290 18.83 -19.46 -12.13
N GLN A 291 17.89 -20.39 -11.98
CA GLN A 291 17.41 -21.20 -13.10
C GLN A 291 15.90 -21.33 -13.02
N ILE A 292 15.23 -20.92 -14.09
CA ILE A 292 13.81 -21.20 -14.30
C ILE A 292 13.73 -22.60 -14.92
N GLU A 293 12.98 -23.48 -14.26
N GLU A 293 13.02 -23.50 -14.24
CA GLU A 293 12.90 -24.88 -14.65
CA GLU A 293 12.90 -24.90 -14.67
C GLU A 293 11.48 -25.22 -15.14
C GLU A 293 11.48 -25.19 -15.15
N GLY A 294 11.37 -25.82 -16.31
CA GLY A 294 10.08 -26.29 -16.81
C GLY A 294 9.12 -25.18 -17.21
N TYR A 295 9.64 -24.15 -17.87
CA TYR A 295 8.82 -23.06 -18.37
C TYR A 295 8.32 -23.41 -19.77
N ASN A 296 7.00 -23.49 -19.91
CA ASN A 296 6.34 -23.90 -21.14
C ASN A 296 5.25 -22.92 -21.56
N PRO A 297 5.66 -21.69 -21.91
CA PRO A 297 4.70 -20.68 -22.29
C PRO A 297 4.15 -20.87 -23.69
N HIS A 298 2.96 -20.31 -23.89
CA HIS A 298 2.43 -20.04 -25.20
C HIS A 298 3.33 -18.97 -25.85
N PRO A 299 3.15 -18.71 -27.14
CA PRO A 299 4.02 -17.76 -27.82
C PRO A 299 3.96 -16.32 -27.29
N THR A 300 5.07 -15.62 -27.49
CA THR A 300 5.14 -14.21 -27.26
C THR A 300 3.95 -13.49 -27.88
N ILE A 301 3.41 -12.52 -27.15
CA ILE A 301 2.39 -11.60 -27.65
C ILE A 301 2.98 -10.20 -27.59
N LYS A 302 3.19 -9.58 -28.75
CA LYS A 302 3.73 -8.22 -28.81
CA LYS A 302 3.75 -8.24 -28.76
C LYS A 302 2.71 -7.19 -28.33
N MET A 303 3.13 -6.31 -27.43
CA MET A 303 2.30 -5.18 -26.98
C MET A 303 3.17 -3.93 -26.89
N GLU A 304 2.67 -2.83 -27.44
N GLU A 304 2.63 -2.82 -27.41
CA GLU A 304 3.45 -1.60 -27.49
CA GLU A 304 3.36 -1.55 -27.49
C GLU A 304 3.33 -0.85 -26.18
C GLU A 304 3.32 -0.85 -26.15
N MET A 305 4.45 -0.32 -25.70
CA MET A 305 4.49 0.41 -24.45
CA MET A 305 4.50 0.42 -24.43
C MET A 305 4.06 1.87 -24.61
N ALA A 306 3.20 2.32 -23.71
CA ALA A 306 2.73 3.70 -23.66
C ALA A 306 3.76 4.54 -22.88
N VAL A 307 4.26 5.58 -23.53
CA VAL A 307 5.36 6.38 -22.97
C VAL A 307 4.81 7.48 -22.06
N ARG B 21 -25.38 -7.44 -1.47
CA ARG B 21 -25.46 -7.75 -0.01
C ARG B 21 -24.87 -6.62 0.84
N HIS B 22 -25.21 -6.64 2.12
CA HIS B 22 -24.78 -5.61 3.06
C HIS B 22 -23.24 -5.59 3.13
N GLY B 23 -22.65 -4.39 2.98
CA GLY B 23 -21.20 -4.22 2.98
C GLY B 23 -20.53 -4.67 4.26
N GLU B 24 -21.24 -4.54 5.39
CA GLU B 24 -20.72 -5.02 6.68
C GLU B 24 -20.42 -6.52 6.65
N LEU B 25 -21.10 -7.28 5.79
CA LEU B 25 -20.84 -8.72 5.73
C LEU B 25 -19.39 -9.02 5.32
N GLN B 26 -18.76 -8.11 4.60
CA GLN B 26 -17.37 -8.31 4.26
C GLN B 26 -16.49 -8.33 5.50
N TYR B 27 -16.67 -7.34 6.39
CA TYR B 27 -15.93 -7.29 7.64
C TYR B 27 -16.19 -8.58 8.45
N LEU B 28 -17.45 -8.97 8.54
CA LEU B 28 -17.81 -10.12 9.35
C LEU B 28 -17.21 -11.39 8.75
N ARG B 29 -17.18 -11.50 7.42
CA ARG B 29 -16.56 -12.65 6.77
C ARG B 29 -15.05 -12.67 6.97
N GLN B 30 -14.41 -11.51 7.03
CA GLN B 30 -12.99 -11.44 7.34
C GLN B 30 -12.70 -11.94 8.75
N VAL B 31 -13.50 -11.49 9.70
CA VAL B 31 -13.37 -11.94 11.07
C VAL B 31 -13.52 -13.46 11.15
N GLU B 32 -14.58 -13.98 10.53
N GLU B 32 -14.57 -13.97 10.53
CA GLU B 32 -14.83 -15.42 10.55
CA GLU B 32 -14.86 -15.39 10.50
C GLU B 32 -13.70 -16.20 9.88
C GLU B 32 -13.72 -16.20 9.86
N HIS B 33 -13.19 -15.69 8.76
CA HIS B 33 -12.09 -16.34 8.08
C HIS B 33 -10.84 -16.42 8.96
N ILE B 34 -10.56 -15.36 9.72
CA ILE B 34 -9.41 -15.39 10.61
C ILE B 34 -9.64 -16.38 11.76
N LEU B 35 -10.83 -16.38 12.32
CA LEU B 35 -11.14 -17.33 13.39
C LEU B 35 -10.96 -18.77 12.90
N ARG B 36 -11.46 -19.02 11.68
CA ARG B 36 -11.51 -20.38 11.15
CA ARG B 36 -11.51 -20.38 11.15
C ARG B 36 -10.19 -20.86 10.52
N CYS B 37 -9.51 -19.96 9.82
CA CYS B 37 -8.34 -20.33 9.00
C CYS B 37 -7.05 -19.55 9.36
N GLY B 38 -7.12 -18.67 10.33
CA GLY B 38 -5.99 -17.89 10.77
C GLY B 38 -4.99 -18.73 11.50
N PHE B 39 -3.73 -18.29 11.48
CA PHE B 39 -2.65 -18.97 12.16
C PHE B 39 -2.31 -18.25 13.45
N LYS B 40 -1.94 -19.04 14.46
N LYS B 40 -1.94 -19.04 14.46
CA LYS B 40 -1.46 -18.45 15.69
CA LYS B 40 -1.43 -18.49 15.69
C LYS B 40 -0.14 -17.72 15.40
C LYS B 40 -0.13 -17.73 15.39
N LYS B 41 -0.09 -16.47 15.83
CA LYS B 41 1.04 -15.62 15.57
C LYS B 41 1.19 -14.73 16.81
N GLU B 42 2.36 -14.82 17.45
CA GLU B 42 2.70 -13.96 18.58
C GLU B 42 2.92 -12.54 18.09
N ASP B 43 2.89 -11.57 19.01
CA ASP B 43 3.01 -10.18 18.62
C ASP B 43 3.76 -9.32 19.65
N ARG B 44 4.11 -8.13 19.18
CA ARG B 44 4.78 -7.08 19.96
C ARG B 44 4.22 -6.86 21.35
N THR B 45 2.89 -6.87 21.47
CA THR B 45 2.24 -6.53 22.74
C THR B 45 2.28 -7.68 23.75
N GLY B 46 2.63 -8.86 23.28
CA GLY B 46 2.62 -10.06 24.13
C GLY B 46 1.26 -10.69 24.32
N THR B 47 0.27 -10.24 23.55
CA THR B 47 -1.11 -10.71 23.72
C THR B 47 -1.37 -12.02 22.97
N GLY B 48 -0.79 -12.15 21.77
CA GLY B 48 -1.06 -13.30 20.90
C GLY B 48 -2.22 -12.98 19.98
N THR B 49 -2.16 -13.51 18.77
CA THR B 49 -3.19 -13.33 17.76
C THR B 49 -3.45 -14.58 16.94
N LEU B 50 -4.61 -14.57 16.26
CA LEU B 50 -4.84 -15.37 15.07
C LEU B 50 -4.70 -14.39 13.91
N SER B 51 -4.03 -14.82 12.86
CA SER B 51 -3.60 -13.91 11.79
C SER B 51 -3.72 -14.50 10.39
N VAL B 52 -4.08 -13.64 9.45
CA VAL B 52 -4.07 -13.92 8.01
CA VAL B 52 -3.97 -13.95 8.03
C VAL B 52 -3.29 -12.76 7.36
N PHE B 53 -2.57 -13.04 6.28
CA PHE B 53 -1.86 -11.99 5.55
C PHE B 53 -2.54 -11.76 4.21
N GLY B 54 -3.04 -10.54 3.98
CA GLY B 54 -3.58 -10.18 2.69
C GLY B 54 -5.07 -10.37 2.61
N MET B 55 -5.81 -9.27 2.74
CA MET B 55 -7.28 -9.28 2.57
C MET B 55 -7.69 -7.99 1.85
N GLN B 56 -8.87 -7.98 1.23
CA GLN B 56 -9.39 -6.78 0.62
C GLN B 56 -10.92 -6.79 0.69
N ALA B 57 -11.48 -5.65 1.06
CA ALA B 57 -12.92 -5.43 1.02
C ALA B 57 -13.24 -4.12 0.31
N ARG B 58 -14.47 -4.00 -0.19
CA ARG B 58 -14.89 -2.77 -0.88
C ARG B 58 -16.19 -2.30 -0.23
N TYR B 59 -16.16 -1.10 0.33
CA TYR B 59 -17.34 -0.53 0.99
C TYR B 59 -17.87 0.61 0.14
N SER B 60 -19.09 0.46 -0.37
CA SER B 60 -19.72 1.55 -1.08
C SER B 60 -19.97 2.74 -0.17
N LEU B 61 -19.73 3.93 -0.70
CA LEU B 61 -19.97 5.20 -0.02
C LEU B 61 -21.14 5.96 -0.64
N ARG B 62 -21.85 5.30 -1.56
CA ARG B 62 -22.90 5.93 -2.35
C ARG B 62 -24.22 5.92 -1.56
N ASP B 63 -24.60 7.08 -1.02
CA ASP B 63 -25.80 7.24 -0.20
C ASP B 63 -25.85 6.33 1.02
N GLU B 64 -24.68 5.93 1.50
N GLU B 64 -24.69 5.95 1.52
CA GLU B 64 -24.55 5.15 2.73
CA GLU B 64 -24.59 5.34 2.83
C GLU B 64 -23.16 5.41 3.29
C GLU B 64 -23.17 5.46 3.31
N PHE B 65 -23.00 5.20 4.60
CA PHE B 65 -21.74 5.44 5.27
C PHE B 65 -21.43 4.20 6.12
N PRO B 66 -20.26 3.58 5.92
CA PRO B 66 -19.97 2.27 6.52
C PRO B 66 -19.48 2.33 7.97
N LEU B 67 -20.36 2.80 8.86
CA LEU B 67 -20.15 2.78 10.30
C LEU B 67 -20.78 1.48 10.80
N LEU B 68 -19.98 0.55 11.33
CA LEU B 68 -20.50 -0.80 11.58
C LEU B 68 -21.67 -0.77 12.53
N THR B 69 -22.62 -1.66 12.27
CA THR B 69 -23.84 -1.77 13.06
C THR B 69 -23.86 -2.96 13.98
N THR B 70 -22.96 -3.92 13.80
CA THR B 70 -23.02 -5.12 14.65
C THR B 70 -22.40 -4.86 16.04
N LYS B 71 -21.85 -3.66 16.22
CA LYS B 71 -21.61 -3.10 17.54
C LYS B 71 -21.71 -1.59 17.42
N ARG B 72 -21.95 -0.89 18.51
CA ARG B 72 -21.94 0.56 18.51
C ARG B 72 -20.50 1.03 18.45
N VAL B 73 -20.17 1.72 17.36
CA VAL B 73 -18.84 2.24 17.15
C VAL B 73 -18.77 3.67 17.71
N PHE B 74 -17.63 3.98 18.32
CA PHE B 74 -17.38 5.29 18.93
C PHE B 74 -17.10 6.34 17.85
N TRP B 75 -18.17 6.75 17.19
CA TRP B 75 -18.10 7.71 16.10
C TRP B 75 -17.41 9.01 16.50
N LYS B 76 -17.67 9.54 17.70
CA LYS B 76 -16.99 10.74 18.16
C LYS B 76 -15.48 10.57 18.15
N GLY B 77 -14.99 9.41 18.56
CA GLY B 77 -13.57 9.10 18.48
C GLY B 77 -13.04 9.13 17.06
N VAL B 78 -13.77 8.51 16.14
CA VAL B 78 -13.35 8.48 14.74
C VAL B 78 -13.22 9.92 14.20
N LEU B 79 -14.27 10.69 14.43
CA LEU B 79 -14.37 12.04 13.90
C LEU B 79 -13.28 12.93 14.49
N GLU B 80 -13.13 12.91 15.82
CA GLU B 80 -12.10 13.74 16.45
C GLU B 80 -10.71 13.32 16.04
N GLU B 81 -10.47 12.01 15.98
CA GLU B 81 -9.16 11.53 15.57
C GLU B 81 -8.81 12.03 14.15
N LEU B 82 -9.76 11.99 13.23
CA LEU B 82 -9.42 12.43 11.88
C LEU B 82 -9.14 13.94 11.85
N LEU B 83 -9.94 14.74 12.56
CA LEU B 83 -9.69 16.17 12.56
C LEU B 83 -8.32 16.51 13.15
N TRP B 84 -7.92 15.70 14.11
CA TRP B 84 -6.63 15.80 14.77
C TRP B 84 -5.50 15.46 13.80
N PHE B 85 -5.65 14.37 13.02
CA PHE B 85 -4.71 14.11 11.90
C PHE B 85 -4.62 15.31 10.96
N ILE B 86 -5.77 15.78 10.54
CA ILE B 86 -5.84 16.80 9.50
C ILE B 86 -5.13 18.07 9.95
N LYS B 87 -5.25 18.43 11.22
CA LYS B 87 -4.61 19.63 11.72
CA LYS B 87 -4.61 19.63 11.69
C LYS B 87 -3.10 19.46 11.89
N GLY B 88 -2.59 18.26 11.64
CA GLY B 88 -1.16 18.02 11.68
C GLY B 88 -0.63 17.66 13.04
N SER B 89 -1.51 17.42 14.00
CA SER B 89 -1.06 17.21 15.38
C SER B 89 -0.42 15.83 15.57
N THR B 90 0.62 15.79 16.39
CA THR B 90 1.20 14.55 16.87
C THR B 90 1.16 14.46 18.40
N ASN B 91 0.34 15.31 19.01
CA ASN B 91 0.16 15.36 20.45
C ASN B 91 -1.10 14.61 20.86
N ALA B 92 -0.92 13.42 21.43
CA ALA B 92 -2.07 12.59 21.85
C ALA B 92 -2.99 13.34 22.80
N LYS B 93 -2.42 14.27 23.56
CA LYS B 93 -3.18 14.92 24.61
C LYS B 93 -4.15 15.93 24.04
N GLU B 94 -3.87 16.44 22.83
CA GLU B 94 -4.79 17.33 22.16
CA GLU B 94 -4.79 17.30 22.11
C GLU B 94 -6.06 16.58 21.79
N LEU B 95 -5.92 15.29 21.48
CA LEU B 95 -7.09 14.46 21.24
C LEU B 95 -7.80 14.16 22.57
N SER B 96 -7.03 13.89 23.61
N SER B 96 -7.02 13.88 23.60
CA SER B 96 -7.60 13.58 24.93
CA SER B 96 -7.53 13.58 24.94
C SER B 96 -8.44 14.72 25.49
C SER B 96 -8.40 14.71 25.51
N SER B 97 -8.10 15.96 25.15
CA SER B 97 -8.91 17.13 25.58
C SER B 97 -10.34 17.05 25.10
N LYS B 98 -10.55 16.32 24.01
CA LYS B 98 -11.88 16.10 23.43
C LYS B 98 -12.62 14.93 24.09
N GLY B 99 -12.05 14.33 25.13
CA GLY B 99 -12.66 13.17 25.78
C GLY B 99 -12.43 11.88 24.98
N VAL B 100 -11.43 11.90 24.09
CA VAL B 100 -11.12 10.77 23.19
C VAL B 100 -9.74 10.30 23.61
N ARG B 101 -9.67 9.15 24.28
CA ARG B 101 -8.48 8.73 25.01
CA ARG B 101 -8.44 8.78 24.98
C ARG B 101 -7.69 7.64 24.30
N ILE B 102 -8.11 7.33 23.07
CA ILE B 102 -7.57 6.16 22.33
C ILE B 102 -6.06 6.15 22.10
N TRP B 103 -5.43 7.32 22.07
CA TRP B 103 -3.98 7.44 21.85
C TRP B 103 -3.17 7.67 23.14
N ASP B 104 -3.85 7.70 24.28
CA ASP B 104 -3.18 7.90 25.56
C ASP B 104 -2.20 6.79 25.90
N ALA B 105 -2.58 5.52 25.68
CA ALA B 105 -1.69 4.40 26.05
C ALA B 105 -0.38 4.41 25.27
N ASN B 106 -0.45 4.67 23.97
CA ASN B 106 0.76 4.71 23.15
C ASN B 106 1.56 6.02 23.28
N GLY B 107 1.00 7.02 23.97
CA GLY B 107 1.74 8.26 24.28
C GLY B 107 2.17 8.37 25.74
N SER B 108 1.93 7.33 26.54
CA SER B 108 2.15 7.43 27.99
C SER B 108 3.64 7.46 28.35
N ARG B 109 3.94 8.03 29.51
CA ARG B 109 5.29 8.02 30.07
C ARG B 109 5.90 6.61 30.02
N ASP B 110 5.16 5.63 30.51
CA ASP B 110 5.66 4.25 30.57
C ASP B 110 5.94 3.70 29.15
N PHE B 111 5.04 3.96 28.22
CA PHE B 111 5.19 3.43 26.85
C PHE B 111 6.35 4.11 26.13
N LEU B 112 6.42 5.44 26.24
CA LEU B 112 7.52 6.19 25.63
C LEU B 112 8.86 5.78 26.23
N ASP B 113 8.92 5.67 27.56
CA ASP B 113 10.12 5.14 28.22
C ASP B 113 10.49 3.73 27.74
N SER B 114 9.51 2.86 27.50
CA SER B 114 9.81 1.50 27.04
C SER B 114 10.49 1.47 25.67
N LEU B 115 10.26 2.52 24.88
CA LEU B 115 10.90 2.66 23.57
C LEU B 115 12.19 3.47 23.62
N GLY B 116 12.56 3.94 24.81
CA GLY B 116 13.77 4.74 24.97
C GLY B 116 13.58 6.22 24.67
N PHE B 117 12.33 6.69 24.69
CA PHE B 117 12.02 8.10 24.48
C PHE B 117 11.81 8.76 25.84
N SER B 118 12.79 8.61 26.73
CA SER B 118 12.66 9.14 28.10
C SER B 118 12.75 10.67 28.15
N ALA B 119 13.22 11.30 27.07
CA ALA B 119 13.48 12.74 27.04
C ALA B 119 12.32 13.58 26.50
N ARG B 120 11.36 12.96 25.83
CA ARG B 120 10.24 13.72 25.26
C ARG B 120 9.02 13.74 26.18
N GLN B 121 8.16 14.72 25.95
CA GLN B 121 6.98 14.92 26.80
C GLN B 121 5.95 13.83 26.56
N GLU B 122 5.20 13.53 27.60
CA GLU B 122 4.12 12.58 27.54
C GLU B 122 3.14 13.10 26.50
N GLY B 123 2.66 12.20 25.64
CA GLY B 123 1.74 12.56 24.57
C GLY B 123 2.42 12.79 23.24
N ASP B 124 3.73 13.02 23.25
CA ASP B 124 4.47 13.26 22.00
C ASP B 124 4.72 11.93 21.29
N LEU B 125 3.87 11.66 20.30
CA LEU B 125 3.92 10.40 19.56
C LEU B 125 5.05 10.37 18.54
N GLY B 126 5.70 11.50 18.33
CA GLY B 126 6.71 11.62 17.30
C GLY B 126 6.08 11.95 15.97
N PRO B 127 6.87 11.83 14.88
CA PRO B 127 6.44 12.25 13.55
C PRO B 127 5.48 11.25 12.88
N VAL B 128 4.30 11.10 13.48
CA VAL B 128 3.33 10.14 13.01
C VAL B 128 2.36 10.84 12.04
N TYR B 129 1.16 10.27 11.88
CA TYR B 129 0.23 10.64 10.80
C TYR B 129 0.12 12.12 10.50
N GLY B 130 -0.27 12.92 11.49
CA GLY B 130 -0.51 14.34 11.24
C GLY B 130 0.68 15.05 10.61
N PHE B 131 1.86 14.77 11.14
CA PHE B 131 3.08 15.38 10.69
C PHE B 131 3.42 14.91 9.27
N GLN B 132 3.29 13.62 8.99
CA GLN B 132 3.61 13.14 7.65
C GLN B 132 2.61 13.62 6.60
N TRP B 133 1.34 13.66 6.95
CA TRP B 133 0.32 14.09 6.02
C TRP B 133 0.50 15.54 5.59
N ARG B 134 0.92 16.41 6.50
CA ARG B 134 1.00 17.84 6.20
C ARG B 134 2.43 18.41 6.03
N HIS B 135 3.44 17.67 6.47
CA HIS B 135 4.82 18.15 6.48
C HIS B 135 5.82 17.04 6.15
N PHE B 136 5.45 16.11 5.27
CA PHE B 136 6.38 15.01 4.95
C PHE B 136 7.78 15.51 4.55
N GLY B 137 8.82 14.98 5.21
CA GLY B 137 10.18 15.33 4.87
C GLY B 137 10.78 16.46 5.66
N ALA B 138 9.98 17.15 6.45
CA ALA B 138 10.48 18.18 7.36
C ALA B 138 11.21 17.52 8.52
N GLU B 139 12.05 18.29 9.20
CA GLU B 139 12.82 17.79 10.32
C GLU B 139 11.98 17.87 11.57
N TYR B 140 11.61 16.71 12.14
CA TYR B 140 10.82 16.71 13.36
C TYR B 140 11.67 17.14 14.52
N LYS B 141 11.10 18.02 15.34
CA LYS B 141 11.70 18.47 16.59
C LYS B 141 10.89 17.90 17.75
N ASP B 142 9.80 18.58 18.12
CA ASP B 142 8.82 17.98 19.01
C ASP B 142 7.40 18.30 18.54
N MET B 143 6.40 17.83 19.29
CA MET B 143 5.02 17.99 18.90
C MET B 143 4.55 19.44 18.86
N ASP B 144 5.24 20.32 19.57
CA ASP B 144 4.88 21.74 19.71
C ASP B 144 5.48 22.67 18.67
N SER B 145 6.46 22.17 17.91
CA SER B 145 7.24 23.01 17.02
C SER B 145 6.39 23.58 15.89
N ASP B 146 6.86 24.67 15.32
CA ASP B 146 6.18 25.31 14.19
C ASP B 146 6.74 24.76 12.87
N TYR B 147 5.95 23.93 12.19
CA TYR B 147 6.37 23.35 10.90
C TYR B 147 5.78 24.04 9.67
N SER B 148 5.14 25.19 9.90
CA SER B 148 4.53 25.96 8.79
C SER B 148 5.49 26.15 7.61
N GLY B 149 5.02 25.81 6.42
CA GLY B 149 5.81 25.92 5.20
C GLY B 149 6.91 24.87 5.01
N GLN B 150 7.04 23.92 5.93
CA GLN B 150 8.10 22.90 5.86
C GLN B 150 7.53 21.57 5.42
N GLY B 151 8.27 20.87 4.58
CA GLY B 151 7.85 19.57 4.09
C GLY B 151 6.74 19.63 3.06
N VAL B 152 6.30 18.44 2.66
CA VAL B 152 5.27 18.29 1.64
C VAL B 152 3.90 18.13 2.29
N ASP B 153 3.00 19.04 1.94
CA ASP B 153 1.62 18.95 2.36
C ASP B 153 0.90 17.99 1.42
N GLN B 154 1.01 16.71 1.74
CA GLN B 154 0.43 15.68 0.89
C GLN B 154 -1.08 15.81 0.82
N LEU B 155 -1.70 16.16 1.94
CA LEU B 155 -3.16 16.25 1.97
C LEU B 155 -3.64 17.34 0.99
N GLN B 156 -3.02 18.52 1.05
CA GLN B 156 -3.40 19.58 0.13
C GLN B 156 -3.08 19.18 -1.32
N LYS B 157 -1.96 18.49 -1.54
CA LYS B 157 -1.60 18.07 -2.89
CA LYS B 157 -1.61 18.07 -2.89
C LYS B 157 -2.64 17.12 -3.49
N VAL B 158 -3.10 16.16 -2.69
CA VAL B 158 -4.14 15.25 -3.11
C VAL B 158 -5.38 16.02 -3.56
N ILE B 159 -5.84 16.95 -2.73
CA ILE B 159 -7.01 17.74 -3.04
C ILE B 159 -6.81 18.54 -4.35
N ASP B 160 -5.66 19.19 -4.47
CA ASP B 160 -5.36 20.00 -5.65
C ASP B 160 -5.32 19.14 -6.93
N THR B 161 -4.74 17.97 -6.83
CA THR B 161 -4.64 17.07 -7.98
C THR B 161 -6.02 16.55 -8.38
N ILE B 162 -6.85 16.19 -7.40
CA ILE B 162 -8.20 15.76 -7.71
C ILE B 162 -8.94 16.88 -8.46
N LYS B 163 -8.78 18.11 -8.00
CA LYS B 163 -9.44 19.26 -8.63
C LYS B 163 -8.97 19.52 -10.04
N THR B 164 -7.67 19.39 -10.28
CA THR B 164 -7.06 19.85 -11.53
C THR B 164 -6.69 18.78 -12.53
N ASN B 165 -6.44 17.56 -12.07
CA ASN B 165 -6.00 16.48 -12.97
C ASN B 165 -6.47 15.15 -12.39
N PRO B 166 -7.79 14.95 -12.38
CA PRO B 166 -8.37 13.81 -11.67
C PRO B 166 -7.99 12.43 -12.22
N ASP B 167 -7.51 12.36 -13.47
CA ASP B 167 -7.09 11.09 -14.04
C ASP B 167 -5.74 10.64 -13.48
N ASP B 168 -5.02 11.54 -12.80
CA ASP B 168 -3.71 11.22 -12.28
C ASP B 168 -3.72 9.90 -11.46
N ARG B 169 -2.71 9.06 -11.70
CA ARG B 169 -2.61 7.76 -11.03
C ARG B 169 -1.65 7.77 -9.85
N ARG B 170 -1.25 8.96 -9.39
CA ARG B 170 -0.30 9.14 -8.30
C ARG B 170 -0.93 9.92 -7.14
N ILE B 171 -2.26 9.88 -7.00
CA ILE B 171 -2.92 10.69 -5.97
C ILE B 171 -2.85 9.92 -4.65
N ILE B 172 -1.74 10.11 -3.95
CA ILE B 172 -1.36 9.32 -2.79
C ILE B 172 -0.97 10.19 -1.59
N MET B 173 -1.39 9.74 -0.41
CA MET B 173 -0.94 10.32 0.84
C MET B 173 -0.34 9.17 1.62
N CYS B 174 0.93 9.29 1.95
CA CYS B 174 1.75 8.22 2.54
C CYS B 174 2.27 8.67 3.90
N ALA B 175 1.83 8.00 4.98
CA ALA B 175 2.36 8.30 6.30
C ALA B 175 3.62 7.48 6.59
N TRP B 176 3.87 6.43 5.79
CA TRP B 176 5.08 5.62 5.98
C TRP B 176 6.33 6.42 5.58
N ASN B 177 7.19 6.71 6.53
CA ASN B 177 8.39 7.49 6.26
C ASN B 177 9.59 6.78 6.91
N PRO B 178 10.30 5.98 6.13
CA PRO B 178 11.40 5.17 6.67
C PRO B 178 12.41 5.95 7.49
N LYS B 179 12.69 7.19 7.12
CA LYS B 179 13.69 8.02 7.80
C LYS B 179 13.22 8.37 9.22
N ASP B 180 11.92 8.60 9.35
CA ASP B 180 11.34 9.04 10.63
C ASP B 180 10.85 7.92 11.53
N LEU B 181 10.73 6.70 11.00
CA LEU B 181 10.25 5.57 11.81
C LEU B 181 10.88 5.46 13.22
N PRO B 182 12.21 5.60 13.35
CA PRO B 182 12.80 5.37 14.68
C PRO B 182 12.31 6.33 15.76
N LEU B 183 11.76 7.46 15.34
CA LEU B 183 11.22 8.48 16.26
C LEU B 183 9.74 8.30 16.60
N MET B 184 9.07 7.35 15.95
CA MET B 184 7.62 7.23 16.11
C MET B 184 7.28 6.31 17.26
N ALA B 185 6.33 6.72 18.11
CA ALA B 185 5.86 5.85 19.19
C ALA B 185 5.23 4.58 18.65
N LEU B 186 4.53 4.73 17.54
CA LEU B 186 3.90 3.63 16.84
C LEU B 186 3.91 4.01 15.36
N PRO B 187 4.63 3.22 14.53
CA PRO B 187 4.56 3.47 13.10
C PRO B 187 3.15 3.29 12.53
N PRO B 188 2.82 4.04 11.49
CA PRO B 188 1.47 4.08 11.01
C PRO B 188 0.91 2.70 10.70
N CYS B 189 -0.25 2.39 11.27
CA CYS B 189 -0.99 1.17 10.93
C CYS B 189 -1.59 1.36 9.56
N HIS B 190 -2.21 2.54 9.34
CA HIS B 190 -2.73 2.93 8.04
C HIS B 190 -1.60 3.67 7.31
N ALA B 191 -0.93 2.95 6.41
CA ALA B 191 0.40 3.33 5.92
C ALA B 191 0.37 4.26 4.70
N LEU B 192 -0.56 4.00 3.80
CA LEU B 192 -0.64 4.73 2.55
C LEU B 192 -2.05 4.67 2.07
N CYS B 193 -2.55 5.75 1.48
CA CYS B 193 -3.80 5.71 0.77
C CYS B 193 -3.70 6.37 -0.59
N GLN B 194 -4.58 5.94 -1.48
CA GLN B 194 -4.63 6.41 -2.85
C GLN B 194 -6.06 6.80 -3.20
N PHE B 195 -6.19 7.90 -3.92
CA PHE B 195 -7.49 8.34 -4.41
C PHE B 195 -7.58 8.13 -5.91
N TYR B 196 -8.82 8.07 -6.39
CA TYR B 196 -9.14 7.71 -7.77
C TYR B 196 -10.44 8.38 -8.15
N VAL B 197 -10.53 8.87 -9.38
CA VAL B 197 -11.73 9.55 -9.86
C VAL B 197 -12.17 8.95 -11.18
N VAL B 198 -13.43 8.55 -11.25
CA VAL B 198 -14.04 8.20 -12.53
C VAL B 198 -15.55 8.48 -12.42
N ASN B 199 -16.18 8.85 -13.54
N ASN B 199 -16.13 8.95 -13.52
CA ASN B 199 -17.64 9.06 -13.58
CA ASN B 199 -17.57 9.06 -13.60
C ASN B 199 -18.14 9.99 -12.47
C ASN B 199 -18.13 9.98 -12.50
N GLY B 200 -17.36 11.01 -12.17
CA GLY B 200 -17.74 11.99 -11.14
C GLY B 200 -17.70 11.49 -9.72
N GLU B 201 -17.05 10.35 -9.50
CA GLU B 201 -17.00 9.70 -8.19
C GLU B 201 -15.58 9.59 -7.68
N LEU B 202 -15.40 9.89 -6.39
CA LEU B 202 -14.11 9.79 -5.74
C LEU B 202 -14.04 8.53 -4.90
N SER B 203 -13.04 7.68 -5.19
CA SER B 203 -12.78 6.47 -4.41
C SER B 203 -11.45 6.61 -3.69
N CYS B 204 -11.28 5.79 -2.66
CA CYS B 204 -10.09 5.80 -1.85
C CYS B 204 -9.73 4.36 -1.55
N GLN B 205 -8.44 4.02 -1.66
CA GLN B 205 -7.92 2.73 -1.18
C GLN B 205 -6.87 2.94 -0.09
N LEU B 206 -7.04 2.22 1.02
CA LEU B 206 -6.09 2.23 2.10
C LEU B 206 -5.28 0.96 2.08
N TYR B 207 -3.96 1.12 2.17
CA TYR B 207 -3.06 0.01 2.51
C TYR B 207 -2.79 0.07 4.02
N GLN B 208 -3.39 -0.88 4.74
CA GLN B 208 -3.25 -0.98 6.18
C GLN B 208 -2.33 -2.16 6.48
N ARG B 209 -1.13 -1.88 6.98
CA ARG B 209 -0.11 -2.93 7.22
C ARG B 209 -0.50 -3.90 8.33
N SER B 210 -1.36 -3.44 9.23
CA SER B 210 -1.61 -4.16 10.45
C SER B 210 -3.00 -3.75 10.93
N GLY B 211 -3.88 -4.73 11.09
CA GLY B 211 -5.28 -4.48 11.43
C GLY B 211 -5.75 -5.29 12.62
N ASP B 212 -5.97 -4.58 13.74
CA ASP B 212 -6.63 -5.13 14.91
C ASP B 212 -8.11 -5.21 14.57
N MET B 213 -8.61 -6.41 14.25
CA MET B 213 -9.95 -6.52 13.70
C MET B 213 -11.01 -6.09 14.70
N GLY B 214 -10.74 -6.30 15.99
CA GLY B 214 -11.69 -5.95 17.04
C GLY B 214 -11.84 -4.47 17.37
N LEU B 215 -10.73 -3.74 17.42
CA LEU B 215 -10.75 -2.32 17.82
C LEU B 215 -10.44 -1.38 16.65
N GLY B 216 -9.22 -1.46 16.14
CA GLY B 216 -8.81 -0.50 15.13
C GLY B 216 -9.60 -0.56 13.85
N VAL B 217 -9.85 -1.75 13.34
CA VAL B 217 -10.34 -1.86 11.95
C VAL B 217 -11.71 -1.19 11.73
N PRO B 218 -12.67 -1.41 12.64
CA PRO B 218 -13.93 -0.67 12.48
C PRO B 218 -13.73 0.87 12.47
N PHE B 219 -12.82 1.37 13.31
CA PHE B 219 -12.41 2.80 13.29
C PHE B 219 -11.82 3.19 11.94
N ASN B 220 -10.84 2.40 11.45
CA ASN B 220 -10.18 2.68 10.16
C ASN B 220 -11.15 2.78 9.00
N ILE B 221 -12.10 1.84 8.95
CA ILE B 221 -13.12 1.86 7.90
C ILE B 221 -13.89 3.19 7.93
N ALA B 222 -14.40 3.55 9.10
CA ALA B 222 -15.15 4.79 9.25
C ALA B 222 -14.29 6.02 8.97
N SER B 223 -13.05 5.99 9.43
CA SER B 223 -12.15 7.13 9.29
C SER B 223 -11.86 7.48 7.83
N TYR B 224 -11.53 6.47 7.03
CA TYR B 224 -11.24 6.71 5.61
C TYR B 224 -12.48 6.95 4.76
N ALA B 225 -13.61 6.35 5.14
CA ALA B 225 -14.88 6.72 4.53
C ALA B 225 -15.17 8.21 4.80
N LEU B 226 -14.95 8.65 6.03
CA LEU B 226 -15.20 10.05 6.41
C LEU B 226 -14.25 10.99 5.64
N LEU B 227 -12.97 10.63 5.58
CA LEU B 227 -12.00 11.42 4.82
C LEU B 227 -12.42 11.54 3.38
N THR B 228 -12.92 10.46 2.80
CA THR B 228 -13.34 10.48 1.40
C THR B 228 -14.55 11.38 1.21
N TYR B 229 -15.51 11.30 2.12
CA TYR B 229 -16.64 12.22 2.11
C TYR B 229 -16.18 13.69 2.19
N MET B 230 -15.20 13.96 3.04
N MET B 230 -15.20 13.97 3.04
CA MET B 230 -14.68 15.32 3.21
CA MET B 230 -14.68 15.32 3.21
C MET B 230 -14.05 15.85 1.94
C MET B 230 -14.04 15.86 1.94
N ILE B 231 -13.20 15.03 1.33
CA ILE B 231 -12.48 15.43 0.13
C ILE B 231 -13.44 15.52 -1.06
N ALA B 232 -14.38 14.59 -1.13
CA ALA B 232 -15.41 14.65 -2.16
C ALA B 232 -16.18 15.97 -2.07
N HIS B 233 -16.52 16.36 -0.85
CA HIS B 233 -17.28 17.59 -0.61
C HIS B 233 -16.53 18.82 -1.12
N ILE B 234 -15.24 18.92 -0.77
CA ILE B 234 -14.50 20.11 -1.16
CA ILE B 234 -14.35 20.02 -1.13
C ILE B 234 -14.11 20.11 -2.64
N THR B 235 -14.12 18.94 -3.30
CA THR B 235 -13.77 18.84 -4.72
C THR B 235 -15.01 18.73 -5.62
N GLY B 236 -16.19 18.75 -5.04
CA GLY B 236 -17.43 18.71 -5.83
C GLY B 236 -17.72 17.39 -6.48
N LEU B 237 -17.19 16.31 -5.89
CA LEU B 237 -17.40 14.97 -6.41
C LEU B 237 -18.34 14.19 -5.50
N GLN B 238 -18.85 13.06 -6.00
CA GLN B 238 -19.64 12.15 -5.19
C GLN B 238 -18.75 11.02 -4.64
N PRO B 239 -18.94 10.65 -3.36
CA PRO B 239 -18.18 9.51 -2.85
C PRO B 239 -18.50 8.23 -3.63
N GLY B 240 -17.45 7.46 -3.92
CA GLY B 240 -17.56 6.22 -4.68
C GLY B 240 -17.41 5.02 -3.76
N ASP B 241 -16.22 4.43 -3.77
CA ASP B 241 -15.89 3.28 -2.93
C ASP B 241 -14.76 3.59 -2.00
N PHE B 242 -14.77 2.92 -0.84
CA PHE B 242 -13.60 2.78 0.01
C PHE B 242 -13.11 1.32 -0.10
N VAL B 243 -11.92 1.15 -0.67
CA VAL B 243 -11.31 -0.16 -0.79
C VAL B 243 -10.32 -0.31 0.36
N HIS B 244 -10.58 -1.32 1.19
CA HIS B 244 -9.78 -1.57 2.39
C HIS B 244 -8.86 -2.76 2.14
N THR B 245 -7.56 -2.51 2.10
CA THR B 245 -6.57 -3.58 1.96
C THR B 245 -5.78 -3.76 3.24
N LEU B 246 -5.68 -5.02 3.67
CA LEU B 246 -4.98 -5.38 4.89
C LEU B 246 -3.73 -6.21 4.61
N GLY B 247 -2.67 -5.92 5.37
CA GLY B 247 -1.51 -6.78 5.48
C GLY B 247 -1.75 -7.84 6.54
N ASP B 248 -1.16 -7.66 7.73
CA ASP B 248 -1.43 -8.59 8.86
C ASP B 248 -2.76 -8.25 9.50
N ALA B 249 -3.78 -9.01 9.14
CA ALA B 249 -5.13 -8.88 9.68
C ALA B 249 -5.24 -9.89 10.80
N HIS B 250 -5.51 -9.40 12.01
CA HIS B 250 -5.39 -10.26 13.18
C HIS B 250 -6.48 -10.03 14.19
N ILE B 251 -6.74 -11.08 14.95
CA ILE B 251 -7.65 -11.05 16.07
C ILE B 251 -6.82 -11.38 17.31
N TYR B 252 -6.77 -10.44 18.25
CA TYR B 252 -6.09 -10.64 19.50
C TYR B 252 -6.83 -11.72 20.29
N LEU B 253 -6.08 -12.54 21.02
CA LEU B 253 -6.66 -13.71 21.67
C LEU B 253 -7.79 -13.35 22.63
N ASN B 254 -7.67 -12.18 23.27
CA ASN B 254 -8.70 -11.68 24.20
C ASN B 254 -9.89 -10.99 23.50
N HIS B 255 -9.88 -10.98 22.16
CA HIS B 255 -11.05 -10.55 21.37
C HIS B 255 -11.83 -11.71 20.74
N ILE B 256 -11.34 -12.93 20.88
CA ILE B 256 -12.00 -14.08 20.21
C ILE B 256 -13.45 -14.24 20.67
N GLU B 257 -13.67 -14.28 21.97
CA GLU B 257 -15.04 -14.50 22.44
C GLU B 257 -15.96 -13.31 22.17
N PRO B 258 -15.48 -12.06 22.37
CA PRO B 258 -16.30 -10.91 21.99
C PRO B 258 -16.67 -10.91 20.50
N LEU B 259 -15.71 -11.24 19.65
CA LEU B 259 -15.99 -11.30 18.21
C LEU B 259 -16.91 -12.45 17.81
N LYS B 260 -16.82 -13.61 18.47
CA LYS B 260 -17.76 -14.69 18.20
C LYS B 260 -19.22 -14.29 18.54
N ILE B 261 -19.40 -13.45 19.56
CA ILE B 261 -20.70 -12.86 19.86
C ILE B 261 -21.11 -11.92 18.71
N GLN B 262 -20.21 -11.05 18.29
CA GLN B 262 -20.51 -10.10 17.25
C GLN B 262 -20.93 -10.76 15.94
N LEU B 263 -20.25 -11.84 15.59
CA LEU B 263 -20.45 -12.54 14.31
C LEU B 263 -21.87 -13.07 14.12
N GLN B 264 -22.58 -13.31 15.23
CA GLN B 264 -23.94 -13.85 15.16
C GLN B 264 -24.99 -12.76 14.93
N ARG B 265 -24.58 -11.49 15.03
CA ARG B 265 -25.53 -10.37 14.93
C ARG B 265 -25.86 -10.01 13.49
N GLU B 266 -27.13 -9.71 13.24
CA GLU B 266 -27.60 -9.32 11.93
C GLU B 266 -27.31 -7.83 11.74
N PRO B 267 -26.53 -7.46 10.69
CA PRO B 267 -26.36 -6.03 10.43
C PRO B 267 -27.67 -5.32 10.17
N ARG B 268 -27.72 -4.06 10.58
CA ARG B 268 -28.79 -3.15 10.19
C ARG B 268 -28.24 -2.36 9.00
N PRO B 269 -29.15 -1.77 8.17
CA PRO B 269 -28.67 -0.92 7.09
C PRO B 269 -27.73 0.14 7.64
N PHE B 270 -26.66 0.43 6.90
CA PHE B 270 -25.73 1.46 7.28
C PHE B 270 -26.42 2.84 7.41
N PRO B 271 -25.90 3.68 8.30
CA PRO B 271 -26.42 5.05 8.38
C PRO B 271 -26.01 5.89 7.18
N LYS B 272 -26.45 7.14 7.18
CA LYS B 272 -26.01 8.12 6.23
C LYS B 272 -25.16 9.16 6.95
N LEU B 273 -24.26 9.79 6.22
CA LEU B 273 -23.49 10.91 6.74
C LEU B 273 -23.91 12.17 6.00
N LYS B 274 -24.26 13.20 6.77
CA LYS B 274 -24.60 14.50 6.23
C LYS B 274 -23.56 15.52 6.64
N ILE B 275 -23.19 16.37 5.69
CA ILE B 275 -22.34 17.51 5.93
C ILE B 275 -23.26 18.72 5.89
N LEU B 276 -23.23 19.51 6.96
CA LEU B 276 -24.32 20.45 7.26
C LEU B 276 -24.13 21.87 6.73
N ARG B 277 -22.98 22.15 6.14
CA ARG B 277 -22.78 23.41 5.45
C ARG B 277 -21.76 23.23 4.37
N LYS B 278 -21.68 24.22 3.49
CA LYS B 278 -20.65 24.18 2.45
CA LYS B 278 -20.66 24.21 2.45
C LYS B 278 -19.33 24.61 3.07
N VAL B 279 -18.34 23.72 2.95
CA VAL B 279 -17.04 23.91 3.52
C VAL B 279 -16.09 23.95 2.32
N GLU B 280 -15.20 24.94 2.30
N GLU B 280 -15.21 24.95 2.31
CA GLU B 280 -14.39 25.21 1.12
CA GLU B 280 -14.38 25.21 1.14
C GLU B 280 -12.96 24.69 1.18
C GLU B 280 -12.99 24.60 1.19
N THR B 281 -12.43 24.46 2.39
CA THR B 281 -11.10 23.86 2.54
C THR B 281 -11.07 22.79 3.62
N ILE B 282 -10.13 21.86 3.50
CA ILE B 282 -10.09 20.68 4.37
C ILE B 282 -9.85 21.12 5.81
N ASP B 283 -9.09 22.20 5.98
CA ASP B 283 -8.75 22.70 7.31
C ASP B 283 -9.91 23.37 8.05
N ASP B 284 -11.00 23.64 7.34
CA ASP B 284 -12.13 24.37 7.92
CA ASP B 284 -12.12 24.37 7.94
C ASP B 284 -13.23 23.46 8.48
N PHE B 285 -13.12 22.15 8.24
CA PHE B 285 -14.13 21.22 8.79
C PHE B 285 -14.04 21.23 10.30
N LYS B 286 -15.20 21.18 10.96
CA LYS B 286 -15.33 21.14 12.41
C LYS B 286 -16.28 20.02 12.78
N VAL B 287 -16.24 19.56 14.04
CA VAL B 287 -17.11 18.44 14.46
C VAL B 287 -18.58 18.70 14.21
N GLU B 288 -18.99 19.96 14.43
CA GLU B 288 -20.37 20.41 14.25
C GLU B 288 -20.88 20.33 12.82
N ASP B 289 -19.98 20.15 11.85
CA ASP B 289 -20.37 20.10 10.43
C ASP B 289 -20.95 18.75 10.00
N PHE B 290 -20.87 17.75 10.87
CA PHE B 290 -21.24 16.39 10.50
C PHE B 290 -22.42 15.88 11.32
N GLN B 291 -23.28 15.12 10.67
N GLN B 291 -23.31 15.14 10.69
CA GLN B 291 -24.38 14.42 11.31
CA GLN B 291 -24.33 14.40 11.43
C GLN B 291 -24.50 13.00 10.76
C GLN B 291 -24.54 13.03 10.80
N ILE B 292 -24.43 12.00 11.63
CA ILE B 292 -24.72 10.64 11.27
C ILE B 292 -26.24 10.44 11.44
N GLU B 293 -26.88 9.96 10.39
N GLU B 293 -26.89 9.97 10.39
CA GLU B 293 -28.34 9.80 10.35
CA GLU B 293 -28.33 9.78 10.40
C GLU B 293 -28.75 8.33 10.22
C GLU B 293 -28.73 8.31 10.25
N GLY B 294 -29.69 7.88 11.06
CA GLY B 294 -30.22 6.54 10.96
C GLY B 294 -29.27 5.46 11.43
N TYR B 295 -28.47 5.77 12.45
CA TYR B 295 -27.52 4.78 12.96
C TYR B 295 -28.18 3.93 14.04
N ASN B 296 -28.39 2.64 13.75
CA ASN B 296 -29.11 1.74 14.65
C ASN B 296 -28.24 0.52 14.98
N PRO B 297 -27.19 0.72 15.78
CA PRO B 297 -26.34 -0.42 16.10
C PRO B 297 -26.85 -1.34 17.19
N HIS B 298 -26.31 -2.55 17.17
CA HIS B 298 -26.36 -3.44 18.32
C HIS B 298 -25.50 -2.85 19.47
N PRO B 299 -25.67 -3.38 20.69
CA PRO B 299 -24.98 -2.77 21.80
C PRO B 299 -23.48 -2.83 21.68
N THR B 300 -22.83 -1.88 22.35
CA THR B 300 -21.39 -1.87 22.53
C THR B 300 -20.88 -3.27 22.97
N ILE B 301 -19.79 -3.70 22.37
CA ILE B 301 -19.05 -4.86 22.85
C ILE B 301 -17.69 -4.40 23.38
N LYS B 302 -17.42 -4.69 24.65
CA LYS B 302 -16.19 -4.30 25.29
C LYS B 302 -15.03 -5.15 24.77
N MET B 303 -13.96 -4.49 24.35
CA MET B 303 -12.73 -5.14 23.96
C MET B 303 -11.52 -4.35 24.45
N GLU B 304 -10.60 -5.06 25.13
CA GLU B 304 -9.46 -4.43 25.76
CA GLU B 304 -9.44 -4.45 25.77
C GLU B 304 -8.37 -4.18 24.73
N MET B 305 -7.75 -3.00 24.79
N MET B 305 -7.75 -3.01 24.81
CA MET B 305 -6.67 -2.66 23.87
CA MET B 305 -6.69 -2.66 23.87
C MET B 305 -5.34 -3.29 24.30
C MET B 305 -5.34 -3.23 24.29
N ALA B 306 -4.65 -3.85 23.33
CA ALA B 306 -3.30 -4.39 23.50
C ALA B 306 -2.28 -3.25 23.35
N VAL B 307 -1.48 -3.02 24.39
CA VAL B 307 -0.58 -1.89 24.43
C VAL B 307 0.76 -2.20 23.76
N1 UFP C . 3.79 0.43 -14.50
C2 UFP C . 3.53 -0.90 -14.07
N3 UFP C . 4.44 -1.55 -13.35
C4 UFP C . 5.67 -1.06 -13.13
C5 UFP C . 6.02 0.28 -13.67
C6 UFP C . 4.99 1.10 -14.20
O2 UFP C . 2.43 -1.47 -14.31
O4 UFP C . 6.55 -1.69 -12.48
F5 UFP C . 7.28 0.70 -13.42
C1' UFP C . 2.77 1.05 -15.36
C2' UFP C . 1.50 1.63 -14.80
C3' UFP C . 1.17 2.70 -15.79
C4' UFP C . 2.54 3.23 -16.16
O3' UFP C . 0.58 2.14 -16.98
O4' UFP C . 3.43 2.12 -16.05
C5' UFP C . 3.00 4.35 -15.25
O5' UFP C . 2.24 5.51 -15.57
P UFP C . 1.61 6.43 -14.43
O1P UFP C . 0.63 5.59 -13.63
O2P UFP C . 0.86 7.48 -15.24
O3P UFP C . 2.74 6.97 -13.61
N1 C2F D . 5.16 2.34 -18.82
C2 C2F D . 4.07 1.62 -19.17
NA2 C2F D . 3.20 2.18 -20.04
N3 C2F D . 3.85 0.39 -18.71
C4 C2F D . 4.69 -0.21 -17.84
O4 C2F D . 4.42 -1.38 -17.42
C4A C2F D . 5.87 0.54 -17.38
N5 C2F D . 6.85 0.09 -16.49
C6 C2F D . 8.22 0.62 -16.55
C7 C2F D . 8.11 2.13 -16.65
N8 C2F D . 7.14 2.61 -17.60
C8A C2F D . 6.06 1.87 -17.95
C9 C2F D . 8.83 0.03 -17.79
N10 C2F D . 8.70 -1.41 -17.80
C11 C2F D . 6.56 -0.92 -15.54
C12 C2F D . 8.18 -3.53 -21.28
C13 C2F D . 8.22 -4.19 -20.05
C14 C2F D . 8.39 -3.46 -18.87
C15 C2F D . 8.52 -2.09 -18.93
C16 C2F D . 8.49 -1.44 -20.18
C17 C2F D . 8.32 -2.17 -21.35
C C2F D . 8.03 -4.29 -22.56
O C2F D . 8.04 -3.68 -23.63
N C2F D . 7.93 -5.64 -22.50
CA C2F D . 7.60 -6.39 -23.69
CB C2F D . 8.79 -6.81 -24.52
CG C2F D . 10.12 -6.82 -23.77
CD C2F D . 11.09 -7.65 -24.58
OE1 C2F D . 12.07 -7.07 -25.04
OE2 C2F D . 10.83 -8.86 -24.77
CT C2F D . 6.82 -7.59 -23.26
O1 C2F D . 6.75 -7.84 -22.01
O2 C2F D . 6.27 -8.24 -24.16
N1 UFP E . -3.86 -0.51 14.54
C2 UFP E . -5.01 -0.56 13.71
N3 UFP E . -5.47 0.57 13.14
C4 UFP E . -4.92 1.77 13.44
C5 UFP E . -3.87 1.85 14.50
C6 UFP E . -3.15 0.67 14.80
O2 UFP E . -5.59 -1.64 13.45
O4 UFP E . -5.33 2.84 12.94
F5 UFP E . -3.30 3.08 14.68
C1' UFP E . -3.49 -1.78 15.18
C2' UFP E . -2.76 -2.88 14.46
C3' UFP E . -2.03 -3.54 15.61
C4' UFP E . -1.65 -2.38 16.49
O3' UFP E . -2.87 -4.45 16.37
O4' UFP E . -2.69 -1.41 16.32
C5' UFP E . -0.32 -1.80 16.07
O5' UFP E . 0.69 -2.76 16.43
P UFP E . 1.94 -3.05 15.45
O1P UFP E . 2.73 -4.02 16.33
O2P UFP E . 2.72 -1.77 15.25
O3P UFP E . 1.30 -3.66 14.22
N1 C2F F . -3.26 -0.58 19.42
N1 C2F F . -3.27 -0.57 19.43
C2 C2F F . -4.08 -1.64 19.23
C2 C2F F . -4.08 -1.64 19.23
NA2 C2F F . -3.85 -2.78 19.92
NA2 C2F F . -3.85 -2.78 19.92
N3 C2F F . -5.12 -1.61 18.37
N3 C2F F . -5.11 -1.61 18.36
C4 C2F F . -5.41 -0.52 17.64
C4 C2F F . -5.41 -0.52 17.64
O4 C2F F . -6.39 -0.55 16.87
O4 C2F F . -6.39 -0.55 16.87
C4A C2F F . -4.57 0.69 17.79
C4A C2F F . -4.57 0.70 17.80
N5 C2F F . -4.67 1.92 17.10
N5 C2F F . -4.68 1.93 17.10
C6 C2F F . -4.32 3.14 17.80
C6 C2F F . -4.34 3.16 17.81
C7 C2F F . -2.88 2.93 18.27
C7 C2F F . -2.90 2.94 18.28
N8 C2F F . -2.65 1.66 18.94
N8 C2F F . -2.67 1.65 18.94
C8A C2F F . -3.45 0.58 18.75
C8A C2F F . -3.45 0.58 18.75
C9 C2F F . -5.24 3.35 19.01
C9 C2F F . -5.26 3.38 19.00
N10 C2F F . -6.60 3.27 18.52
N10 C2F F . -6.62 3.35 18.52
C11 C2F F . -4.92 1.99 15.64
C11 C2F F . -4.91 1.99 15.64
C12 C2F F . -9.64 2.09 21.01
C12 C2F F . -9.66 1.95 20.90
C13 C2F F . -8.33 2.13 21.51
C13 C2F F . -8.37 2.00 21.41
C14 C2F F . -7.30 2.53 20.67
C14 C2F F . -7.33 2.47 20.60
C15 C2F F . -7.58 2.88 19.35
C15 C2F F . -7.61 2.89 19.30
C16 C2F F . -8.89 2.85 18.86
C16 C2F F . -8.90 2.85 18.80
C17 C2F F . -9.91 2.45 19.70
C17 C2F F . -9.94 2.39 19.60
C C2F F . -10.82 1.71 21.85
C C2F F . -10.82 1.48 21.73
O C2F F . -10.67 1.43 23.05
O C2F F . -10.63 1.19 22.91
N C2F F . -11.95 1.85 21.16
N C2F F . -11.98 1.53 21.08
CA C2F F . -13.34 1.90 21.60
CA C2F F . -13.34 1.44 21.60
CB C2F F . -14.09 0.59 21.35
CB C2F F . -13.75 0.10 22.17
CG C2F F . -14.19 0.38 19.85
CG C2F F . -15.10 -0.35 21.61
CD C2F F . -15.17 1.24 19.06
CD C2F F . -15.09 -1.80 21.19
OE1 C2F F . -14.83 1.50 17.91
OE1 C2F F . -16.01 -2.26 20.48
OE2 C2F F . -16.27 1.65 19.47
OE2 C2F F . -14.18 -2.55 21.58
CT C2F F . -13.56 2.43 22.98
CT C2F F . -13.58 2.50 22.64
O1 C2F F . -14.69 2.90 23.22
O1 C2F F . -14.18 3.52 22.27
O2 C2F F . -12.64 2.38 23.83
O2 C2F F . -13.19 2.31 23.81
#